data_3LH2
#
_entry.id   3LH2
#
_cell.length_a   75.850
_cell.length_b   145.950
_cell.length_c   78.550
_cell.angle_alpha   90.00
_cell.angle_beta   92.43
_cell.angle_gamma   90.00
#
_symmetry.space_group_name_H-M   'P 1 21 1'
#
loop_
_entity.id
_entity.type
_entity.pdbx_description
1 polymer '4E10_1VI7A_S0_002_N (T88)'
2 polymer 'Fv 4E10 heavy chain'
3 polymer 'Fv 4E10 light chain'
4 water water
#
loop_
_entity_poly.entity_id
_entity_poly.type
_entity_poly.pdbx_seq_one_letter_code
_entity_poly.pdbx_strand_id
1 'polypeptide(L)' HHHHHHLTEYTLQANWFDITGILWLLGQVDGKIINSDVQAFVLLRVALPAAKVAEFSAKLADFSGGSLQLLAIEEE S,T,V,U
2 'polypeptide(L)'
;GSQVQLVQSGAEVKRPGSSVTVSCKASGGSFSTYALSWVRQAPGRGLEWMGGVIPLLTITNYAPRFQGRITITADRSTST
AYLELNSLRPEDTAVYYCAREGTTGAGWLGKPIGAFAHWGQGTLVTVSSLEHHHHHH
;
H,I,K,J
3 'polypeptide(L)'
;MAEIVLTQSPGTQSLSPGERATLSCRASQSVGNNKLAWYQQRPGQAPRLLIYGASSRPSGVADRFSGSGSGTDFTLTISR
LEPEDFAVYYCQQYGQSLSTFGQGTKVEVKLVPR
;
L,M,O,N
#
# COMPACT_ATOMS: atom_id res chain seq x y z
N HIS A 6 24.19 -4.31 4.03
CA HIS A 6 22.73 -4.35 4.30
C HIS A 6 22.43 -5.42 5.35
N LEU A 7 21.36 -6.17 5.13
CA LEU A 7 20.98 -7.27 6.01
C LEU A 7 20.97 -8.55 5.18
N THR A 8 21.50 -9.64 5.73
CA THR A 8 21.54 -10.91 5.01
C THR A 8 20.31 -11.77 5.31
N GLU A 9 19.93 -12.60 4.35
CA GLU A 9 18.70 -13.39 4.43
C GLU A 9 18.96 -14.88 4.65
N TYR A 10 18.21 -15.48 5.57
CA TYR A 10 18.30 -16.90 5.83
C TYR A 10 16.89 -17.47 5.86
N THR A 11 16.76 -18.78 5.66
CA THR A 11 15.49 -19.47 5.82
C THR A 11 15.51 -20.25 7.12
N LEU A 12 14.33 -20.69 7.54
CA LEU A 12 14.20 -21.34 8.82
C LEU A 12 12.93 -22.17 8.86
N GLN A 13 13.05 -23.36 9.44
CA GLN A 13 11.92 -24.26 9.56
C GLN A 13 11.66 -24.54 11.03
N ALA A 14 10.46 -24.25 11.49
CA ALA A 14 10.08 -24.57 12.88
C ALA A 14 8.64 -25.02 12.98
N ASN A 15 8.33 -25.73 14.07
CA ASN A 15 6.95 -26.07 14.34
C ASN A 15 6.27 -24.80 14.84
N TRP A 16 4.95 -24.77 14.69
CA TRP A 16 4.18 -23.57 14.95
C TRP A 16 4.41 -23.00 16.36
N PHE A 17 4.55 -23.89 17.36
CA PHE A 17 4.67 -23.44 18.74
C PHE A 17 6.00 -22.75 19.08
N ASP A 18 6.97 -22.83 18.16
CA ASP A 18 8.26 -22.17 18.36
C ASP A 18 8.37 -20.82 17.65
N ILE A 19 7.48 -20.54 16.71
CA ILE A 19 7.63 -19.37 15.88
C ILE A 19 7.72 -18.10 16.70
N THR A 20 6.85 -17.92 17.68
CA THR A 20 6.83 -16.67 18.43
C THR A 20 8.11 -16.44 19.21
N GLY A 21 8.75 -17.52 19.65
CA GLY A 21 10.04 -17.42 20.32
C GLY A 21 11.11 -16.96 19.34
N ILE A 22 11.05 -17.53 18.15
CA ILE A 22 11.95 -17.15 17.08
C ILE A 22 11.77 -15.66 16.77
N LEU A 23 10.52 -15.20 16.77
CA LEU A 23 10.24 -13.79 16.53
C LEU A 23 10.81 -12.90 17.63
N TRP A 24 10.70 -13.36 18.87
CA TRP A 24 11.19 -12.60 20.02
C TRP A 24 12.71 -12.47 19.97
N LEU A 25 13.39 -13.58 19.68
CA LEU A 25 14.85 -13.60 19.53
C LEU A 25 15.28 -12.73 18.36
N LEU A 26 14.52 -12.79 17.26
CA LEU A 26 14.83 -12.02 16.07
C LEU A 26 14.83 -10.53 16.38
N GLY A 27 13.91 -10.10 17.24
CA GLY A 27 13.82 -8.69 17.64
C GLY A 27 15.02 -8.24 18.45
N GLN A 28 15.54 -9.14 19.28
CA GLN A 28 16.68 -8.84 20.15
C GLN A 28 17.99 -8.69 19.39
N VAL A 29 18.00 -9.06 18.12
CA VAL A 29 19.20 -8.94 17.29
C VAL A 29 18.95 -8.09 16.03
N ASP A 30 17.99 -7.18 16.14
CA ASP A 30 17.66 -6.23 15.06
C ASP A 30 17.23 -6.94 13.78
N GLY A 31 16.53 -8.06 13.93
CA GLY A 31 16.10 -8.85 12.77
C GLY A 31 14.68 -8.56 12.30
N LYS A 32 14.38 -8.96 11.08
CA LYS A 32 13.06 -8.78 10.50
C LYS A 32 12.60 -10.07 9.80
N ILE A 33 11.28 -10.28 9.74
CA ILE A 33 10.71 -11.38 8.97
C ILE A 33 10.39 -10.86 7.59
N ILE A 34 10.98 -11.45 6.55
CA ILE A 34 10.72 -11.01 5.18
C ILE A 34 9.53 -11.75 4.57
N ASN A 35 9.40 -13.03 4.93
CA ASN A 35 8.34 -13.89 4.41
C ASN A 35 8.04 -15.02 5.37
N SER A 36 6.80 -15.48 5.38
CA SER A 36 6.43 -16.68 6.11
C SER A 36 5.56 -17.53 5.21
N ASP A 37 5.47 -18.82 5.53
CA ASP A 37 4.69 -19.76 4.76
C ASP A 37 4.51 -21.02 5.60
N VAL A 38 3.60 -21.90 5.19
CA VAL A 38 3.43 -23.19 5.85
C VAL A 38 3.52 -24.32 4.82
N GLN A 39 4.05 -25.46 5.26
CA GLN A 39 4.27 -26.58 4.39
C GLN A 39 4.14 -27.87 5.19
N ALA A 40 3.45 -28.85 4.61
CA ALA A 40 3.43 -30.19 5.18
C ALA A 40 4.50 -31.02 4.49
N PHE A 41 5.12 -31.92 5.24
CA PHE A 41 6.16 -32.79 4.74
C PHE A 41 5.93 -34.20 5.23
N VAL A 42 6.50 -35.17 4.53
CA VAL A 42 6.49 -36.54 5.00
C VAL A 42 7.86 -36.77 5.59
N LEU A 43 7.90 -37.25 6.84
CA LEU A 43 9.16 -37.62 7.47
C LEU A 43 9.38 -39.12 7.35
N LEU A 44 10.48 -39.50 6.71
CA LEU A 44 10.82 -40.90 6.54
C LEU A 44 12.00 -41.26 7.44
N ARG A 45 11.89 -42.43 8.10
CA ARG A 45 13.02 -43.05 8.79
C ARG A 45 13.48 -44.23 7.93
N VAL A 46 14.69 -44.13 7.38
CA VAL A 46 15.17 -45.15 6.42
C VAL A 46 16.29 -45.99 7.00
N ALA A 47 16.42 -47.21 6.47
CA ALA A 47 17.43 -48.17 6.93
C ALA A 47 18.20 -48.79 5.77
N LEU A 48 19.41 -48.28 5.52
CA LEU A 48 20.27 -48.79 4.45
C LEU A 48 21.68 -49.13 4.99
N PRO A 49 22.43 -49.99 4.25
CA PRO A 49 23.84 -50.30 4.55
C PRO A 49 24.81 -49.18 4.14
N ALA A 50 25.89 -49.02 4.88
CA ALA A 50 26.88 -47.97 4.57
C ALA A 50 27.79 -48.40 3.42
N LYS A 52 26.42 -48.71 0.42
CA LYS A 52 25.51 -48.10 -0.55
C LYS A 52 25.10 -46.66 -0.15
N VAL A 53 25.44 -46.24 1.07
CA VAL A 53 25.11 -44.88 1.52
C VAL A 53 25.83 -43.84 0.65
N GLU A 55 26.37 -44.00 -2.39
CA GLU A 55 25.62 -44.13 -3.63
C GLU A 55 24.24 -43.47 -3.48
N PHE A 56 23.51 -43.89 -2.45
CA PHE A 56 22.15 -43.38 -2.19
C PHE A 56 22.12 -41.86 -2.13
N SER A 57 23.04 -41.29 -1.37
CA SER A 57 23.09 -39.84 -1.19
C SER A 57 23.35 -39.12 -2.51
N ALA A 58 24.17 -39.73 -3.36
CA ALA A 58 24.50 -39.16 -4.67
C ALA A 58 23.28 -39.16 -5.58
N LYS A 59 22.59 -40.30 -5.63
CA LYS A 59 21.38 -40.45 -6.42
C LYS A 59 20.27 -39.56 -5.85
N LEU A 60 20.24 -39.45 -4.52
CA LEU A 60 19.31 -38.57 -3.83
C LEU A 60 19.54 -37.12 -4.26
N ALA A 61 20.80 -36.74 -4.43
CA ALA A 61 21.16 -35.37 -4.84
C ALA A 61 20.69 -35.08 -6.28
N ASP A 62 21.01 -35.98 -7.20
CA ASP A 62 20.55 -35.86 -8.57
C ASP A 62 19.03 -35.76 -8.60
N PHE A 63 18.37 -36.66 -7.89
CA PHE A 63 16.90 -36.72 -7.85
C PHE A 63 16.27 -35.40 -7.41
N SER A 64 16.92 -34.68 -6.50
CA SER A 64 16.31 -33.53 -5.86
C SER A 64 16.94 -32.19 -6.26
N GLY A 65 18.05 -32.25 -6.99
CA GLY A 65 18.80 -31.04 -7.34
C GLY A 65 19.37 -30.37 -6.10
N GLY A 66 19.96 -31.17 -5.22
CA GLY A 66 20.68 -30.66 -4.06
C GLY A 66 19.87 -30.40 -2.82
N SER A 67 18.54 -30.45 -2.93
CA SER A 67 17.66 -29.97 -1.85
C SER A 67 17.32 -31.01 -0.79
N LEU A 68 17.64 -32.28 -1.04
CA LEU A 68 17.28 -33.34 -0.11
C LEU A 68 18.48 -33.67 0.77
N GLN A 69 18.24 -33.83 2.07
CA GLN A 69 19.31 -34.01 3.04
C GLN A 69 19.06 -35.26 3.89
N LEU A 70 20.03 -36.17 3.88
CA LEU A 70 19.94 -37.38 4.70
C LEU A 70 20.48 -37.07 6.10
N LEU A 71 19.70 -37.39 7.14
CA LEU A 71 20.10 -37.10 8.52
C LEU A 71 20.01 -38.34 9.39
N VAL B 4 -2.14 -9.50 31.70
CA VAL B 4 -2.89 -10.00 30.51
C VAL B 4 -4.19 -10.70 30.93
N GLN B 5 -5.32 -10.19 30.43
CA GLN B 5 -6.63 -10.81 30.65
C GLN B 5 -7.36 -11.05 29.32
N LEU B 6 -8.05 -12.18 29.22
CA LEU B 6 -8.82 -12.53 28.03
C LEU B 6 -10.31 -12.62 28.38
N VAL B 7 -11.15 -11.90 27.64
CA VAL B 7 -12.59 -11.87 27.89
C VAL B 7 -13.37 -12.30 26.66
N GLN B 8 -14.11 -13.41 26.79
CA GLN B 8 -14.82 -14.01 25.66
C GLN B 8 -16.25 -13.50 25.56
N SER B 9 -16.89 -13.77 24.42
CA SER B 9 -18.27 -13.43 24.20
C SER B 9 -19.20 -14.35 25.00
N GLY B 10 -20.46 -13.95 25.14
CA GLY B 10 -21.42 -14.64 25.99
C GLY B 10 -21.93 -15.95 25.43
N ALA B 11 -22.65 -16.71 26.25
CA ALA B 11 -23.20 -18.01 25.85
C ALA B 11 -23.97 -17.95 24.53
N GLU B 12 -23.99 -19.07 23.83
CA GLU B 12 -24.60 -19.13 22.51
C GLU B 12 -25.40 -20.42 22.40
N VAL B 13 -26.63 -20.31 21.89
CA VAL B 13 -27.47 -21.48 21.66
C VAL B 13 -27.85 -21.53 20.19
N LYS B 14 -27.45 -22.61 19.51
CA LYS B 14 -27.54 -22.70 18.05
C LYS B 14 -28.19 -24.01 17.59
N ARG B 15 -28.79 -23.97 16.40
CA ARG B 15 -29.40 -25.15 15.78
C ARG B 15 -28.38 -25.93 14.97
N PRO B 16 -28.54 -27.26 14.88
CA PRO B 16 -27.61 -28.07 14.09
C PRO B 16 -27.47 -27.56 12.65
N GLY B 17 -26.26 -27.65 12.09
CA GLY B 17 -26.02 -27.19 10.73
C GLY B 17 -26.19 -25.69 10.64
N SER B 18 -25.49 -24.96 11.50
CA SER B 18 -25.46 -23.52 11.43
C SER B 18 -24.09 -23.07 11.93
N SER B 19 -23.90 -21.77 12.13
CA SER B 19 -22.60 -21.24 12.49
C SER B 19 -22.65 -20.38 13.74
N VAL B 20 -21.52 -20.35 14.44
CA VAL B 20 -21.37 -19.56 15.65
C VAL B 20 -19.98 -18.92 15.64
N THR B 21 -19.89 -17.70 16.16
CA THR B 21 -18.61 -17.00 16.24
C THR B 21 -18.37 -16.51 17.67
N VAL B 22 -17.29 -17.00 18.26
CA VAL B 22 -16.89 -16.57 19.58
C VAL B 22 -15.72 -15.62 19.46
N SER B 23 -15.73 -14.56 20.27
CA SER B 23 -14.67 -13.57 20.26
C SER B 23 -13.87 -13.62 21.56
N CYS B 24 -12.58 -13.28 21.47
CA CYS B 24 -11.70 -13.30 22.63
C CYS B 24 -10.88 -12.01 22.67
N LYS B 25 -11.25 -11.09 23.54
CA LYS B 25 -10.63 -9.77 23.58
C LYS B 25 -9.47 -9.77 24.57
N ALA B 26 -8.30 -9.33 24.13
CA ALA B 26 -7.11 -9.34 24.97
C ALA B 26 -6.78 -7.92 25.44
N SER B 27 -6.33 -7.79 26.67
CA SER B 27 -5.88 -6.50 27.18
C SER B 27 -4.68 -6.72 28.07
N GLY B 28 -3.81 -5.71 28.16
CA GLY B 28 -2.50 -5.87 28.75
C GLY B 28 -1.60 -6.62 27.80
N GLY B 29 -0.29 -6.35 27.85
CA GLY B 29 0.68 -7.03 26.98
C GLY B 29 0.60 -6.61 25.52
N SER B 30 1.27 -7.38 24.66
CA SER B 30 1.23 -7.17 23.22
C SER B 30 0.44 -8.29 22.58
N PHE B 31 -0.38 -7.95 21.60
CA PHE B 31 -1.31 -8.90 20.98
C PHE B 31 -0.72 -9.63 19.78
N SER B 32 0.12 -8.94 19.02
CA SER B 32 0.54 -9.44 17.69
C SER B 32 1.58 -10.56 17.72
N THR B 33 2.47 -10.54 18.72
CA THR B 33 3.64 -11.42 18.69
C THR B 33 3.53 -12.65 19.59
N TYR B 34 2.36 -12.88 20.18
CA TYR B 34 2.17 -14.04 21.03
C TYR B 34 1.03 -14.91 20.52
N ALA B 35 1.21 -16.22 20.61
CA ALA B 35 0.29 -17.17 20.01
C ALA B 35 -0.96 -17.33 20.85
N LEU B 36 -2.10 -17.27 20.19
CA LEU B 36 -3.40 -17.36 20.83
C LEU B 36 -4.15 -18.58 20.31
N SER B 37 -4.51 -19.49 21.20
CA SER B 37 -5.14 -20.77 20.81
C SER B 37 -6.59 -20.88 21.27
N TRP B 38 -7.30 -21.83 20.69
CA TRP B 38 -8.63 -22.18 21.14
C TRP B 38 -8.67 -23.62 21.60
N VAL B 39 -9.24 -23.84 22.79
CA VAL B 39 -9.36 -25.17 23.35
C VAL B 39 -10.80 -25.35 23.76
N ARG B 40 -11.37 -26.52 23.50
CA ARG B 40 -12.72 -26.79 23.97
C ARG B 40 -12.82 -27.97 24.95
N GLN B 41 -13.96 -28.03 25.63
CA GLN B 41 -14.23 -29.07 26.63
C GLN B 41 -15.72 -29.42 26.59
N ALA B 42 -16.03 -30.59 26.02
CA ALA B 42 -17.38 -31.13 26.01
C ALA B 42 -17.77 -31.50 27.43
N PRO B 43 -19.08 -31.44 27.75
CA PRO B 43 -19.56 -31.69 29.12
C PRO B 43 -18.98 -32.97 29.74
N GLY B 44 -18.32 -32.83 30.89
CA GLY B 44 -17.72 -33.95 31.61
C GLY B 44 -16.60 -34.67 30.86
N ARG B 45 -15.94 -33.96 29.94
CA ARG B 45 -14.87 -34.55 29.14
C ARG B 45 -13.61 -33.69 29.17
N GLY B 46 -12.56 -34.10 28.46
CA GLY B 46 -11.25 -33.48 28.58
C GLY B 46 -11.00 -32.25 27.71
N LEU B 47 -9.90 -31.57 27.99
CA LEU B 47 -9.48 -30.41 27.20
C LEU B 47 -8.99 -30.88 25.84
N GLU B 48 -9.29 -30.09 24.81
CA GLU B 48 -9.03 -30.49 23.43
C GLU B 48 -8.57 -29.28 22.61
N TRP B 49 -7.32 -29.31 22.17
CA TRP B 49 -6.75 -28.21 21.40
C TRP B 49 -7.31 -28.19 19.97
N MET B 50 -7.81 -27.03 19.55
CA MET B 50 -8.48 -26.94 18.26
C MET B 50 -7.58 -26.30 17.22
N GLY B 51 -6.86 -25.27 17.62
CA GLY B 51 -5.95 -24.58 16.73
C GLY B 51 -5.60 -23.22 17.30
N GLY B 52 -4.79 -22.45 16.57
CA GLY B 52 -4.36 -21.14 17.05
C GLY B 52 -3.99 -20.20 15.93
N VAL B 53 -3.66 -18.97 16.30
CA VAL B 53 -3.22 -17.98 15.34
C VAL B 53 -2.07 -17.19 15.94
N ILE B 54 -1.04 -16.95 15.14
CA ILE B 54 -0.02 -15.97 15.47
C ILE B 54 -0.39 -14.69 14.72
N PRO B 55 -1.00 -13.71 15.42
CA PRO B 55 -1.52 -12.55 14.71
C PRO B 55 -0.53 -11.84 13.79
N LEU B 56 0.70 -11.61 14.24
CA LEU B 56 1.65 -10.85 13.42
C LEU B 56 1.72 -11.32 11.98
N LEU B 57 1.70 -12.63 11.77
CA LEU B 57 1.91 -13.19 10.44
C LEU B 57 0.64 -13.78 9.83
N THR B 58 -0.49 -13.63 10.50
CA THR B 58 -1.72 -14.26 10.05
C THR B 58 -1.45 -15.73 9.68
N ILE B 59 -0.69 -16.40 10.53
CA ILE B 59 -0.39 -17.82 10.35
C ILE B 59 -1.21 -18.66 11.31
N THR B 60 -2.11 -19.46 10.75
CA THR B 60 -2.99 -20.28 11.55
C THR B 60 -2.57 -21.76 11.54
N ASN B 61 -2.95 -22.46 12.60
CA ASN B 61 -2.58 -23.85 12.78
C ASN B 61 -3.80 -24.57 13.33
N TYR B 62 -4.38 -25.47 12.52
CA TYR B 62 -5.56 -26.20 12.94
C TYR B 62 -5.25 -27.65 13.27
N ALA B 63 -5.99 -28.21 14.21
CA ALA B 63 -5.97 -29.65 14.44
C ALA B 63 -6.75 -30.29 13.29
N PRO B 64 -6.16 -31.27 12.61
CA PRO B 64 -6.83 -32.09 11.59
C PRO B 64 -8.27 -32.51 11.90
N ARG B 65 -8.57 -32.80 13.17
CA ARG B 65 -9.93 -33.15 13.56
C ARG B 65 -10.92 -32.04 13.21
N PHE B 66 -10.44 -30.80 13.15
CA PHE B 66 -11.31 -29.62 13.00
C PHE B 66 -11.14 -28.84 11.70
N GLN B 67 -10.09 -29.13 10.93
CA GLN B 67 -9.91 -28.44 9.64
C GLN B 67 -11.14 -28.62 8.75
N GLY B 68 -11.51 -27.58 8.02
CA GLY B 68 -12.75 -27.57 7.23
C GLY B 68 -13.88 -26.86 7.95
N ARG B 69 -14.22 -27.32 9.15
CA ARG B 69 -15.34 -26.76 9.91
C ARG B 69 -14.96 -25.53 10.75
N ILE B 70 -13.69 -25.15 10.69
CA ILE B 70 -13.14 -24.17 11.63
C ILE B 70 -12.35 -23.09 10.91
N THR B 71 -12.48 -21.86 11.39
CA THR B 71 -11.66 -20.74 10.93
C THR B 71 -11.31 -19.87 12.13
N ILE B 72 -10.01 -19.64 12.33
CA ILE B 72 -9.52 -18.81 13.42
C ILE B 72 -8.87 -17.55 12.85
N THR B 73 -9.29 -16.40 13.37
CA THR B 73 -8.74 -15.13 12.91
C THR B 73 -8.37 -14.23 14.09
N ALA B 74 -7.47 -13.30 13.86
CA ALA B 74 -7.15 -12.26 14.83
C ALA B 74 -7.23 -10.92 14.12
N ASP B 75 -7.78 -9.93 14.82
CA ASP B 75 -7.87 -8.57 14.32
C ASP B 75 -6.96 -7.72 15.17
N ARG B 76 -5.85 -7.27 14.58
CA ARG B 76 -4.81 -6.55 15.30
C ARG B 76 -5.27 -5.16 15.75
N SER B 77 -6.29 -4.60 15.11
CA SER B 77 -6.75 -3.26 15.47
C SER B 77 -7.62 -3.23 16.74
N THR B 78 -8.22 -4.36 17.09
CA THR B 78 -9.09 -4.45 18.27
C THR B 78 -8.57 -5.44 19.31
N SER B 79 -7.43 -6.09 19.04
CA SER B 79 -6.86 -7.09 19.95
C SER B 79 -7.86 -8.21 20.28
N THR B 80 -8.61 -8.62 19.27
CA THR B 80 -9.65 -9.63 19.44
C THR B 80 -9.40 -10.83 18.50
N ALA B 81 -9.41 -12.02 19.05
CA ALA B 81 -9.32 -13.23 18.26
C ALA B 81 -10.72 -13.83 18.10
N TYR B 82 -10.91 -14.60 17.03
CA TYR B 82 -12.23 -15.12 16.68
C TYR B 82 -12.18 -16.60 16.33
N LEU B 83 -13.22 -17.33 16.74
CA LEU B 83 -13.37 -18.73 16.40
C LEU B 83 -14.69 -18.91 15.67
N GLU B 84 -14.60 -19.33 14.41
CA GLU B 84 -15.79 -19.70 13.64
C GLU B 84 -15.98 -21.20 13.60
N LEU B 85 -17.10 -21.66 14.14
CA LEU B 85 -17.56 -23.04 14.03
C LEU B 85 -18.64 -23.08 12.96
N ASN B 86 -18.46 -23.90 11.92
CA ASN B 86 -19.49 -24.07 10.89
C ASN B 86 -20.11 -25.46 10.96
N SER B 87 -21.26 -25.62 10.30
CA SER B 87 -21.95 -26.90 10.26
C SER B 87 -21.98 -27.55 11.63
N LEU B 88 -22.45 -26.81 12.62
CA LEU B 88 -22.49 -27.32 13.98
C LEU B 88 -23.24 -28.65 14.07
N ARG B 89 -22.84 -29.45 15.04
CA ARG B 89 -23.47 -30.73 15.31
C ARG B 89 -23.64 -30.82 16.82
N PRO B 90 -24.60 -31.62 17.29
CA PRO B 90 -24.80 -31.74 18.73
C PRO B 90 -23.50 -32.02 19.48
N GLU B 91 -22.60 -32.77 18.83
CA GLU B 91 -21.30 -33.13 19.39
C GLU B 91 -20.50 -31.89 19.74
N ASP B 92 -20.74 -30.80 19.01
CA ASP B 92 -19.98 -29.57 19.18
C ASP B 92 -20.33 -28.80 20.45
N THR B 93 -21.37 -29.24 21.17
CA THR B 93 -21.75 -28.61 22.42
C THR B 93 -20.59 -28.75 23.40
N ALA B 94 -20.15 -27.62 23.95
CA ALA B 94 -19.00 -27.60 24.84
C ALA B 94 -18.71 -26.19 25.28
N VAL B 95 -17.80 -26.05 26.24
CA VAL B 95 -17.20 -24.77 26.58
C VAL B 95 -15.97 -24.57 25.69
N TYR B 96 -15.87 -23.40 25.08
CA TYR B 96 -14.72 -23.06 24.25
C TYR B 96 -13.89 -21.97 24.92
N TYR B 97 -12.61 -22.26 25.13
CA TYR B 97 -11.69 -21.34 25.78
C TYR B 97 -10.66 -20.83 24.80
N CYS B 98 -10.42 -19.52 24.80
CA CYS B 98 -9.24 -19.00 24.16
C CYS B 98 -8.12 -19.02 25.19
N ALA B 99 -6.89 -19.23 24.73
CA ALA B 99 -5.74 -19.34 25.60
C ALA B 99 -4.53 -18.70 24.95
N ARG B 100 -3.80 -17.90 25.70
CA ARG B 100 -2.61 -17.25 25.18
C ARG B 100 -1.38 -17.77 25.92
N GLU B 101 -0.28 -17.94 25.19
CA GLU B 101 0.92 -18.46 25.80
C GLU B 101 1.43 -17.45 26.82
N GLY B 102 2.10 -17.95 27.85
CA GLY B 102 2.70 -17.09 28.86
C GLY B 102 4.09 -16.64 28.43
N THR B 103 4.74 -15.88 29.29
CA THR B 103 6.07 -15.37 29.03
C THR B 103 6.90 -15.37 30.32
N THR B 104 8.22 -15.30 30.19
CA THR B 104 9.09 -15.12 31.37
C THR B 104 9.93 -13.84 31.23
N LEU B 109 6.51 -7.90 27.49
CA LEU B 109 7.29 -8.22 26.30
C LEU B 109 8.32 -9.33 26.56
N GLY B 110 7.95 -10.28 27.42
CA GLY B 110 8.85 -11.36 27.80
C GLY B 110 9.04 -12.42 26.72
N LYS B 111 9.89 -13.40 27.01
CA LYS B 111 10.12 -14.50 26.10
C LYS B 111 8.99 -15.51 26.22
N PRO B 112 8.37 -15.88 25.09
CA PRO B 112 7.20 -16.75 25.10
C PRO B 112 7.53 -18.19 25.45
N ILE B 113 6.58 -18.90 26.05
CA ILE B 113 6.84 -20.25 26.55
C ILE B 113 6.02 -21.35 25.87
N GLY B 114 5.10 -20.98 24.98
CA GLY B 114 4.22 -21.95 24.34
C GLY B 114 3.04 -22.37 25.21
N ALA B 115 3.33 -22.87 26.41
CA ALA B 115 2.29 -23.33 27.33
C ALA B 115 1.30 -22.21 27.65
N PHE B 116 0.03 -22.56 27.81
CA PHE B 116 -1.03 -21.55 27.94
C PHE B 116 -1.16 -21.02 29.37
N ALA B 117 -0.60 -19.86 29.65
CA ALA B 117 -0.66 -19.29 31.00
C ALA B 117 -1.94 -18.50 31.25
N HIS B 118 -2.53 -17.97 30.18
CA HIS B 118 -3.71 -17.12 30.31
C HIS B 118 -4.91 -17.73 29.58
N TRP B 119 -6.05 -17.70 30.26
CA TRP B 119 -7.26 -18.35 29.77
C TRP B 119 -8.46 -17.42 29.86
N GLY B 120 -9.34 -17.50 28.87
CA GLY B 120 -10.60 -16.77 28.93
C GLY B 120 -11.52 -17.44 29.94
N GLN B 121 -12.61 -16.78 30.30
CA GLN B 121 -13.56 -17.34 31.25
C GLN B 121 -14.30 -18.54 30.62
N GLY B 122 -14.38 -18.53 29.30
CA GLY B 122 -15.01 -19.60 28.55
C GLY B 122 -16.29 -19.12 27.92
N THR B 123 -16.73 -19.82 26.88
CA THR B 123 -18.03 -19.59 26.27
C THR B 123 -18.71 -20.91 26.00
N LEU B 124 -19.94 -21.07 26.46
CA LEU B 124 -20.65 -22.31 26.25
C LEU B 124 -21.46 -22.17 24.97
N VAL B 125 -21.26 -23.12 24.07
CA VAL B 125 -22.05 -23.23 22.85
C VAL B 125 -22.88 -24.49 22.97
N THR B 126 -24.20 -24.34 23.03
CA THR B 126 -25.10 -25.48 23.07
C THR B 126 -25.74 -25.67 21.70
N VAL B 127 -25.46 -26.82 21.07
CA VAL B 127 -26.08 -27.15 19.80
C VAL B 127 -27.20 -28.16 20.01
N SER B 128 -28.44 -27.74 19.78
CA SER B 128 -29.57 -28.62 20.03
C SER B 128 -30.75 -28.38 19.09
N SER B 129 -31.36 -29.47 18.63
CA SER B 129 -32.60 -29.39 17.87
C SER B 129 -33.79 -29.11 18.77
N LEU B 130 -33.56 -29.17 20.09
CA LEU B 130 -34.61 -28.93 21.07
C LEU B 130 -35.10 -27.48 20.97
N GLU B 131 -36.31 -27.32 20.43
CA GLU B 131 -36.88 -26.01 20.17
C GLU B 131 -37.07 -25.23 21.47
N HIS B 132 -37.15 -25.97 22.58
CA HIS B 132 -37.25 -25.36 23.91
C HIS B 132 -36.05 -24.46 24.21
N HIS B 133 -34.88 -24.83 23.70
CA HIS B 133 -33.66 -24.07 23.95
C HIS B 133 -33.63 -22.74 23.21
N HIS B 134 -34.18 -22.70 21.99
CA HIS B 134 -34.25 -21.47 21.20
C HIS B 134 -35.60 -21.34 20.51
N LEU C 7 -21.30 12.90 -24.30
CA LEU C 7 -20.41 13.51 -23.25
C LEU C 7 -20.48 15.04 -23.22
N THR C 8 -21.08 15.57 -22.16
CA THR C 8 -21.20 17.01 -21.94
C THR C 8 -20.03 17.53 -21.10
N GLU C 9 -19.53 18.71 -21.43
CA GLU C 9 -18.37 19.28 -20.73
C GLU C 9 -18.75 20.08 -19.46
N TYR C 10 -17.84 20.09 -18.50
CA TYR C 10 -18.05 20.75 -17.20
C TYR C 10 -16.70 21.16 -16.65
N THR C 11 -16.67 22.17 -15.79
CA THR C 11 -15.43 22.57 -15.14
C THR C 11 -15.54 22.38 -13.64
N LEU C 12 -14.38 22.43 -12.98
CA LEU C 12 -14.29 22.10 -11.58
C LEU C 12 -12.98 22.66 -11.03
N GLN C 13 -13.07 23.51 -10.01
CA GLN C 13 -11.89 24.02 -9.32
C GLN C 13 -11.63 23.22 -8.05
N ALA C 14 -10.38 22.79 -7.84
CA ALA C 14 -10.06 21.95 -6.71
C ALA C 14 -8.63 22.11 -6.27
N ASN C 15 -8.39 21.93 -4.97
CA ASN C 15 -7.04 21.94 -4.46
C ASN C 15 -6.38 20.62 -4.88
N TRP C 16 -5.06 20.64 -5.01
CA TRP C 16 -4.34 19.53 -5.63
C TRP C 16 -4.63 18.21 -4.95
N PHE C 17 -4.77 18.22 -3.62
CA PHE C 17 -4.94 17.00 -2.84
C PHE C 17 -6.29 16.29 -3.04
N ASP C 18 -7.22 16.94 -3.75
CA ASP C 18 -8.52 16.38 -4.07
C ASP C 18 -8.64 15.84 -5.50
N ILE C 19 -7.65 16.13 -6.34
CA ILE C 19 -7.73 15.83 -7.76
C ILE C 19 -7.90 14.34 -8.04
N THR C 20 -7.09 13.49 -7.41
CA THR C 20 -7.19 12.05 -7.66
C THR C 20 -8.51 11.48 -7.18
N GLY C 21 -9.14 12.14 -6.22
CA GLY C 21 -10.46 11.74 -5.77
C GLY C 21 -11.48 12.01 -6.86
N ILE C 22 -11.30 13.14 -7.54
CA ILE C 22 -12.19 13.54 -8.61
C ILE C 22 -11.98 12.60 -9.79
N LEU C 23 -10.73 12.15 -9.97
CA LEU C 23 -10.40 11.19 -11.01
C LEU C 23 -11.09 9.86 -10.76
N TRP C 24 -11.00 9.38 -9.52
CA TRP C 24 -11.64 8.15 -9.11
C TRP C 24 -13.16 8.21 -9.35
N LEU C 25 -13.84 9.19 -8.76
CA LEU C 25 -15.29 9.32 -8.95
C LEU C 25 -15.64 9.36 -10.43
N LEU C 26 -14.83 10.07 -11.19
CA LEU C 26 -15.07 10.25 -12.62
C LEU C 26 -15.17 8.89 -13.31
N GLY C 27 -14.27 7.97 -12.95
CA GLY C 27 -14.28 6.64 -13.54
C GLY C 27 -15.56 5.89 -13.23
N GLN C 28 -16.13 6.16 -12.06
CA GLN C 28 -17.35 5.49 -11.63
C GLN C 28 -18.54 5.83 -12.52
N VAL C 29 -18.45 6.94 -13.25
CA VAL C 29 -19.56 7.43 -14.09
C VAL C 29 -19.17 7.55 -15.56
N ASP C 30 -18.13 6.81 -15.95
CA ASP C 30 -17.70 6.78 -17.35
C ASP C 30 -17.33 8.16 -17.87
N GLY C 31 -16.82 9.01 -16.98
CA GLY C 31 -16.38 10.35 -17.34
C GLY C 31 -14.87 10.42 -17.37
N LYS C 32 -14.33 11.55 -17.83
CA LYS C 32 -12.87 11.68 -17.92
C LYS C 32 -12.42 13.14 -17.93
N ILE C 33 -11.26 13.39 -17.33
CA ILE C 33 -10.62 14.71 -17.39
C ILE C 33 -10.15 14.99 -18.82
N ILE C 34 -10.73 16.02 -19.44
CA ILE C 34 -10.34 16.42 -20.78
C ILE C 34 -9.16 17.39 -20.73
N ASN C 35 -9.12 18.23 -19.70
CA ASN C 35 -8.07 19.24 -19.61
C ASN C 35 -7.86 19.77 -18.19
N SER C 36 -6.61 20.10 -17.88
CA SER C 36 -6.28 20.66 -16.58
C SER C 36 -5.46 21.94 -16.77
N ASP C 37 -5.38 22.72 -15.70
CA ASP C 37 -4.63 23.96 -15.68
C ASP C 37 -4.51 24.42 -14.23
N VAL C 38 -3.34 24.90 -13.85
CA VAL C 38 -3.14 25.37 -12.49
C VAL C 38 -3.14 26.89 -12.48
N GLN C 39 -3.78 27.49 -11.49
CA GLN C 39 -3.74 28.94 -11.35
C GLN C 39 -3.74 29.38 -9.91
N ALA C 40 -3.11 30.53 -9.66
CA ALA C 40 -3.05 31.12 -8.33
C ALA C 40 -3.99 32.32 -8.23
N PHE C 41 -4.71 32.39 -7.10
CA PHE C 41 -5.61 33.50 -6.83
C PHE C 41 -5.33 34.11 -5.46
N VAL C 42 -5.72 35.37 -5.30
CA VAL C 42 -5.74 36.00 -4.00
C VAL C 42 -7.14 35.77 -3.42
N LEU C 43 -7.21 35.20 -2.22
CA LEU C 43 -8.49 35.11 -1.52
C LEU C 43 -8.62 36.29 -0.58
N LEU C 44 -9.79 36.94 -0.63
CA LEU C 44 -10.06 38.12 0.17
C LEU C 44 -11.12 37.79 1.20
N ARG C 45 -10.96 38.35 2.39
CA ARG C 45 -12.03 38.38 3.36
C ARG C 45 -12.37 39.84 3.59
N VAL C 46 -13.59 40.22 3.26
CA VAL C 46 -13.96 41.63 3.32
C VAL C 46 -15.10 41.88 4.29
N ALA C 47 -15.20 43.11 4.77
CA ALA C 47 -16.27 43.51 5.66
C ALA C 47 -16.89 44.81 5.14
N LEU C 48 -18.21 44.83 5.03
CA LEU C 48 -18.92 46.05 4.63
C LEU C 48 -20.31 46.10 5.27
N PRO C 49 -20.95 47.28 5.25
CA PRO C 49 -22.29 47.38 5.83
C PRO C 49 -23.29 46.57 5.02
N ALA C 50 -24.16 45.83 5.70
CA ALA C 50 -25.13 45.00 4.99
C ALA C 50 -25.95 45.84 4.00
N ALA C 51 -26.30 47.05 4.41
CA ALA C 51 -27.05 47.96 3.54
C ALA C 51 -26.44 48.11 2.14
N LYS C 52 -25.13 47.94 2.01
CA LYS C 52 -24.45 48.22 0.75
C LYS C 52 -23.98 47.01 -0.04
N VAL C 53 -24.11 45.81 0.52
CA VAL C 53 -23.73 44.58 -0.18
C VAL C 53 -24.29 44.46 -1.60
N ALA C 54 -25.59 44.71 -1.78
CA ALA C 54 -26.20 44.58 -3.11
C ALA C 54 -25.50 45.48 -4.11
N GLU C 55 -25.30 46.74 -3.72
CA GLU C 55 -24.62 47.70 -4.57
C GLU C 55 -23.22 47.22 -4.92
N PHE C 56 -22.50 46.77 -3.91
CA PHE C 56 -21.11 46.31 -4.05
C PHE C 56 -21.04 45.08 -4.94
N SER C 57 -22.04 44.21 -4.80
CA SER C 57 -22.12 42.99 -5.58
C SER C 57 -22.35 43.32 -7.05
N ALA C 58 -23.21 44.29 -7.31
CA ALA C 58 -23.55 44.69 -8.67
C ALA C 58 -22.37 45.32 -9.40
N LYS C 59 -21.58 46.12 -8.68
CA LYS C 59 -20.41 46.77 -9.27
C LYS C 59 -19.25 45.80 -9.44
N LEU C 60 -19.24 44.75 -8.62
CA LEU C 60 -18.25 43.69 -8.72
C LEU C 60 -18.46 42.90 -10.01
N ALA C 61 -19.73 42.65 -10.34
CA ALA C 61 -20.09 41.94 -11.57
C ALA C 61 -19.70 42.76 -12.79
N ASP C 62 -20.16 44.01 -12.83
CA ASP C 62 -19.81 44.92 -13.93
CA ASP C 62 -19.83 44.89 -13.94
C ASP C 62 -18.30 44.98 -14.11
N PHE C 63 -17.60 45.17 -13.00
CA PHE C 63 -16.13 45.28 -13.01
C PHE C 63 -15.42 44.05 -13.56
N SER C 64 -15.97 42.86 -13.31
CA SER C 64 -15.28 41.62 -13.62
C SER C 64 -15.92 40.82 -14.76
N GLY C 65 -16.92 41.42 -15.42
CA GLY C 65 -17.65 40.73 -16.46
C GLY C 65 -18.34 39.47 -15.97
N GLY C 66 -18.73 39.46 -14.69
CA GLY C 66 -19.53 38.36 -14.14
C GLY C 66 -18.74 37.27 -13.44
N SER C 67 -17.42 37.27 -13.60
CA SER C 67 -16.60 36.20 -13.03
C SER C 67 -16.64 36.17 -11.49
N LEU C 68 -16.34 37.31 -10.87
CA LEU C 68 -16.26 37.40 -9.40
C LEU C 68 -17.56 36.98 -8.71
N GLN C 69 -17.42 36.39 -7.53
CA GLN C 69 -18.56 35.92 -6.75
C GLN C 69 -18.36 36.17 -5.27
N LEU C 70 -19.22 37.01 -4.72
CA LEU C 70 -19.12 37.43 -3.33
C LEU C 70 -19.88 36.47 -2.42
N LEU C 71 -19.15 35.57 -1.76
CA LEU C 71 -19.74 34.51 -0.96
C LEU C 71 -19.75 34.80 0.54
N ALA C 72 -20.92 34.68 1.16
CA ALA C 72 -21.07 34.94 2.59
C ALA C 72 -20.45 33.81 3.41
N ILE C 73 -20.25 34.07 4.69
CA ILE C 73 -19.66 33.08 5.60
C ILE C 73 -20.74 32.39 6.41
N VAL D 4 1.36 -1.67 -0.88
CA VAL D 4 2.24 -1.02 -1.91
C VAL D 4 3.64 -0.83 -1.34
N GLN D 5 4.66 -1.20 -2.11
CA GLN D 5 6.04 -1.02 -1.68
C GLN D 5 6.71 0.12 -2.44
N LEU D 6 7.47 0.93 -1.71
CA LEU D 6 8.24 2.00 -2.32
C LEU D 6 9.71 1.85 -1.98
N VAL D 7 10.53 1.67 -3.01
CA VAL D 7 11.96 1.46 -2.86
C VAL D 7 12.70 2.65 -3.44
N GLN D 8 13.57 3.26 -2.66
CA GLN D 8 14.29 4.44 -3.08
C GLN D 8 15.74 4.14 -3.41
N SER D 9 16.39 5.06 -4.11
CA SER D 9 17.80 4.91 -4.45
C SER D 9 18.68 5.20 -3.24
N GLY D 10 19.90 4.68 -3.27
CA GLY D 10 20.81 4.74 -2.14
C GLY D 10 21.22 6.13 -1.75
N ALA D 11 21.94 6.23 -0.63
CA ALA D 11 22.43 7.49 -0.10
C ALA D 11 23.32 8.18 -1.13
N GLU D 12 23.55 9.47 -0.92
CA GLU D 12 24.33 10.26 -1.85
C GLU D 12 25.02 11.43 -1.14
N VAL D 13 26.23 11.74 -1.58
CA VAL D 13 27.00 12.82 -0.95
C VAL D 13 27.33 13.86 -2.01
N LYS D 14 26.92 15.10 -1.78
CA LYS D 14 26.97 16.12 -2.82
C LYS D 14 27.66 17.41 -2.39
N ARG D 15 28.29 18.10 -3.33
CA ARG D 15 28.96 19.37 -3.05
C ARG D 15 27.98 20.52 -3.25
N PRO D 16 28.10 21.58 -2.43
CA PRO D 16 27.23 22.73 -2.62
C PRO D 16 27.24 23.22 -4.06
N GLY D 17 26.06 23.55 -4.59
CA GLY D 17 25.93 24.04 -5.95
C GLY D 17 25.59 22.94 -6.95
N SER D 18 25.72 21.70 -6.54
CA SER D 18 25.46 20.58 -7.43
C SER D 18 23.98 20.21 -7.37
N SER D 19 23.63 19.12 -8.07
CA SER D 19 22.25 18.63 -8.10
C SER D 19 22.21 17.14 -7.78
N VAL D 20 21.06 16.70 -7.28
CA VAL D 20 20.86 15.30 -6.99
C VAL D 20 19.47 14.89 -7.42
N THR D 21 19.36 13.64 -7.86
CA THR D 21 18.11 13.08 -8.33
C THR D 21 17.90 11.79 -7.56
N VAL D 22 16.77 11.70 -6.86
CA VAL D 22 16.46 10.52 -6.06
C VAL D 22 15.29 9.79 -6.71
N SER D 23 15.40 8.46 -6.83
CA SER D 23 14.33 7.67 -7.46
C SER D 23 13.44 6.99 -6.42
N CYS D 24 12.18 6.77 -6.80
CA CYS D 24 11.22 6.08 -5.97
C CYS D 24 10.47 5.07 -6.83
N LYS D 25 10.81 3.80 -6.66
CA LYS D 25 10.24 2.72 -7.46
C LYS D 25 9.10 2.07 -6.67
N ALA D 26 7.94 1.95 -7.32
CA ALA D 26 6.75 1.42 -6.64
C ALA D 26 6.26 0.11 -7.25
N SER D 27 5.76 -0.78 -6.40
CA SER D 27 5.17 -2.05 -6.82
C SER D 27 3.81 -2.22 -6.16
N GLY D 28 2.91 -2.93 -6.83
CA GLY D 28 1.58 -3.18 -6.31
C GLY D 28 0.64 -2.01 -6.53
N GLY D 29 -0.66 -2.31 -6.63
CA GLY D 29 -1.67 -1.27 -6.84
C GLY D 29 -1.51 -0.59 -8.18
N SER D 30 -2.04 0.62 -8.29
CA SER D 30 -1.95 1.40 -9.53
C SER D 30 -1.06 2.62 -9.29
N PHE D 31 -0.16 2.88 -10.22
CA PHE D 31 0.82 3.96 -10.05
C PHE D 31 0.40 5.24 -10.78
N SER D 32 -0.39 5.09 -11.83
CA SER D 32 -0.76 6.23 -12.66
C SER D 32 -1.76 7.16 -11.99
N THR D 33 -2.72 6.60 -11.26
CA THR D 33 -3.88 7.36 -10.79
C THR D 33 -3.82 7.74 -9.30
N TYR D 34 -2.64 7.73 -8.71
CA TYR D 34 -2.51 8.06 -7.29
C TYR D 34 -1.41 9.07 -7.06
N ALA D 35 -1.57 9.87 -6.02
CA ALA D 35 -0.72 11.00 -5.76
C ALA D 35 0.54 10.59 -5.01
N LEU D 36 1.69 10.95 -5.58
CA LEU D 36 2.98 10.64 -4.97
C LEU D 36 3.68 11.91 -4.53
N SER D 37 4.13 11.94 -3.28
CA SER D 37 4.73 13.12 -2.70
C SER D 37 6.16 12.89 -2.23
N TRP D 38 6.90 13.98 -2.10
CA TRP D 38 8.24 13.93 -1.54
C TRP D 38 8.28 14.74 -0.25
N VAL D 39 8.80 14.10 0.81
CA VAL D 39 8.88 14.71 2.13
C VAL D 39 10.28 14.49 2.67
N ARG D 40 10.89 15.54 3.19
CA ARG D 40 12.23 15.40 3.76
C ARG D 40 12.29 15.70 5.25
N GLN D 41 13.39 15.31 5.87
CA GLN D 41 13.62 15.48 7.29
C GLN D 41 15.09 15.74 7.56
N ALA D 42 15.40 16.99 7.88
CA ALA D 42 16.77 17.35 8.25
C ALA D 42 17.11 16.67 9.58
N PRO D 43 18.40 16.39 9.81
CA PRO D 43 18.76 15.63 11.01
C PRO D 43 18.27 16.32 12.28
N GLY D 44 17.57 15.55 13.12
CA GLY D 44 17.01 16.07 14.36
C GLY D 44 15.70 16.83 14.22
N ARG D 45 15.31 17.21 12.99
CA ARG D 45 14.16 18.09 12.79
C ARG D 45 12.88 17.34 12.38
N GLY D 46 11.86 18.10 11.99
CA GLY D 46 10.55 17.53 11.66
C GLY D 46 10.36 17.24 10.18
N LEU D 47 9.20 16.64 9.85
CA LEU D 47 8.90 16.27 8.46
C LEU D 47 8.51 17.51 7.64
N GLU D 48 9.01 17.59 6.42
CA GLU D 48 8.73 18.74 5.58
C GLU D 48 8.24 18.32 4.20
N TRP D 49 7.01 18.72 3.86
CA TRP D 49 6.44 18.42 2.56
C TRP D 49 7.01 19.33 1.46
N MET D 50 7.62 18.73 0.45
CA MET D 50 8.31 19.50 -0.61
C MET D 50 7.44 19.72 -1.83
N GLY D 51 6.79 18.64 -2.28
CA GLY D 51 5.96 18.67 -3.47
C GLY D 51 5.48 17.28 -3.84
N GLY D 52 4.65 17.20 -4.88
CA GLY D 52 4.14 15.92 -5.37
C GLY D 52 3.74 15.94 -6.83
N VAL D 53 3.38 14.76 -7.34
CA VAL D 53 2.96 14.61 -8.72
C VAL D 53 1.82 13.60 -8.84
N ILE D 54 0.82 13.95 -9.65
CA ILE D 54 -0.21 13.00 -10.08
C ILE D 54 0.17 12.50 -11.47
N PRO D 55 0.72 11.28 -11.58
CA PRO D 55 1.34 10.79 -12.82
C PRO D 55 0.46 10.77 -14.08
N LEU D 56 -0.75 10.25 -14.00
CA LEU D 56 -1.60 10.11 -15.19
C LEU D 56 -1.87 11.45 -15.88
N LEU D 57 -1.83 12.54 -15.11
CA LEU D 57 -2.18 13.86 -15.59
C LEU D 57 -0.98 14.80 -15.69
N THR D 58 0.20 14.30 -15.37
CA THR D 58 1.39 15.14 -15.30
C THR D 58 1.08 16.48 -14.64
N ILE D 59 0.48 16.46 -13.46
CA ILE D 59 0.18 17.69 -12.72
C ILE D 59 1.01 17.75 -11.46
N THR D 60 1.97 18.66 -11.40
CA THR D 60 2.85 18.77 -10.26
C THR D 60 2.34 19.83 -9.27
N ASN D 61 2.92 19.81 -8.07
CA ASN D 61 2.55 20.74 -7.00
C ASN D 61 3.71 20.88 -6.01
N TYR D 62 4.38 22.02 -6.03
CA TYR D 62 5.52 22.24 -5.18
C TYR D 62 5.19 23.26 -4.12
N ALA D 63 5.83 23.16 -2.97
CA ALA D 63 5.68 24.20 -1.96
C ALA D 63 6.47 25.42 -2.43
N PRO D 64 5.92 26.62 -2.20
CA PRO D 64 6.65 27.85 -2.47
C PRO D 64 8.11 27.82 -2.02
N ARG D 65 8.37 27.23 -0.86
CA ARG D 65 9.72 27.24 -0.29
C ARG D 65 10.75 26.50 -1.16
N PHE D 66 10.30 25.66 -2.08
CA PHE D 66 11.20 24.91 -2.97
C PHE D 66 10.97 25.19 -4.47
N GLN D 67 9.89 25.90 -4.80
CA GLN D 67 9.66 26.30 -6.18
C GLN D 67 10.93 26.93 -6.76
N GLY D 68 11.39 26.42 -7.89
CA GLY D 68 12.57 26.94 -8.55
C GLY D 68 13.84 26.11 -8.35
N ARG D 69 13.82 25.18 -7.40
CA ARG D 69 14.97 24.32 -7.14
C ARG D 69 14.61 22.84 -7.25
N ILE D 70 13.40 22.55 -7.68
CA ILE D 70 12.85 21.23 -7.53
C ILE D 70 12.09 20.82 -8.76
N THR D 71 12.23 19.57 -9.16
CA THR D 71 11.44 19.01 -10.24
C THR D 71 11.04 17.60 -9.84
N ILE D 72 9.76 17.31 -9.93
CA ILE D 72 9.26 16.00 -9.60
C ILE D 72 8.69 15.45 -10.88
N THR D 73 9.07 14.23 -11.23
CA THR D 73 8.58 13.60 -12.44
C THR D 73 8.17 12.16 -12.15
N ALA D 74 7.34 11.60 -13.03
CA ALA D 74 6.87 10.22 -12.90
C ALA D 74 6.96 9.49 -14.25
N ASP D 75 7.53 8.29 -14.22
CA ASP D 75 7.65 7.45 -15.41
C ASP D 75 6.73 6.24 -15.25
N ARG D 76 5.62 6.26 -15.97
CA ARG D 76 4.59 5.23 -15.81
C ARG D 76 5.09 3.86 -16.27
N SER D 77 5.99 3.85 -17.25
CA SER D 77 6.57 2.61 -17.78
C SER D 77 7.21 1.76 -16.68
N THR D 78 7.92 2.43 -15.77
CA THR D 78 8.69 1.74 -14.74
C THR D 78 8.13 1.97 -13.33
N SER D 79 6.99 2.66 -13.23
CA SER D 79 6.41 3.00 -11.92
C SER D 79 7.42 3.70 -11.02
N THR D 80 8.18 4.62 -11.60
CA THR D 80 9.24 5.30 -10.86
C THR D 80 8.99 6.81 -10.81
N ALA D 81 9.02 7.38 -9.61
CA ALA D 81 8.95 8.82 -9.44
C ALA D 81 10.34 9.35 -9.14
N TYR D 82 10.62 10.57 -9.59
CA TYR D 82 11.92 11.18 -9.39
C TYR D 82 11.82 12.53 -8.69
N LEU D 83 12.66 12.75 -7.69
CA LEU D 83 12.84 14.07 -7.09
C LEU D 83 14.19 14.61 -7.51
N GLU D 84 14.18 15.79 -8.12
CA GLU D 84 15.40 16.44 -8.55
C GLU D 84 15.55 17.76 -7.82
N LEU D 85 16.66 17.93 -7.12
CA LEU D 85 16.86 19.12 -6.31
C LEU D 85 18.15 19.82 -6.72
N ASN D 86 17.99 21.07 -7.18
CA ASN D 86 19.11 21.84 -7.74
C ASN D 86 19.70 22.79 -6.72
N SER D 87 20.80 23.44 -7.08
CA SER D 87 21.45 24.41 -6.20
C SER D 87 21.50 23.97 -4.73
N LEU D 88 22.09 22.81 -4.47
CA LEU D 88 22.15 22.29 -3.12
C LEU D 88 22.96 23.20 -2.21
N ARG D 89 22.56 23.26 -0.94
CA ARG D 89 23.32 23.91 0.11
C ARG D 89 23.34 22.95 1.29
N PRO D 90 24.20 23.19 2.29
CA PRO D 90 24.28 22.31 3.46
C PRO D 90 22.98 22.12 4.27
N GLU D 91 22.06 23.08 4.23
CA GLU D 91 20.77 22.93 4.91
C GLU D 91 19.85 21.94 4.20
N ASP D 92 20.20 21.58 2.97
CA ASP D 92 19.45 20.55 2.25
C ASP D 92 19.82 19.15 2.73
N THR D 93 20.87 19.04 3.54
CA THR D 93 21.26 17.77 4.15
C THR D 93 20.10 17.23 4.96
N ALA D 94 19.59 16.07 4.55
CA ALA D 94 18.40 15.47 5.16
C ALA D 94 18.09 14.08 4.59
N VAL D 95 17.11 13.41 5.17
CA VAL D 95 16.57 12.19 4.58
C VAL D 95 15.35 12.57 3.74
N TYR D 96 15.29 12.07 2.51
CA TYR D 96 14.18 12.39 1.62
C TYR D 96 13.33 11.14 1.45
N TYR D 97 12.08 11.22 1.90
CA TYR D 97 11.13 10.15 1.74
C TYR D 97 10.22 10.40 0.54
N CYS D 98 9.88 9.35 -0.18
CA CYS D 98 8.78 9.40 -1.12
C CYS D 98 7.62 8.74 -0.41
N ALA D 99 6.41 9.18 -0.72
CA ALA D 99 5.23 8.69 -0.02
C ALA D 99 4.01 8.77 -0.90
N ARG D 100 3.18 7.73 -0.88
CA ARG D 100 1.97 7.70 -1.69
C ARG D 100 0.73 7.67 -0.82
N GLU D 101 -0.35 8.29 -1.30
CA GLU D 101 -1.60 8.33 -0.58
C GLU D 101 -2.17 6.92 -0.47
N GLY D 102 -2.93 6.69 0.59
CA GLY D 102 -3.58 5.40 0.80
C GLY D 102 -4.92 5.34 0.09
N THR D 103 -5.56 4.18 0.15
CA THR D 103 -6.91 4.04 -0.37
C THR D 103 -7.83 3.49 0.73
N THR D 104 -9.10 3.84 0.64
CA THR D 104 -10.11 3.42 1.61
C THR D 104 -10.42 1.94 1.47
N GLY D 110 -10.33 1.45 -5.13
CA GLY D 110 -9.95 2.04 -3.85
C GLY D 110 -9.85 3.56 -3.86
N LYS D 111 -10.83 4.22 -3.28
CA LYS D 111 -10.91 5.69 -3.22
C LYS D 111 -9.74 6.32 -2.45
N PRO D 112 -8.96 7.20 -3.11
CA PRO D 112 -7.81 7.89 -2.52
C PRO D 112 -8.15 8.76 -1.30
N ILE D 113 -7.25 8.79 -0.33
CA ILE D 113 -7.53 9.41 0.96
C ILE D 113 -6.69 10.66 1.25
N GLY D 114 -5.79 11.02 0.32
CA GLY D 114 -4.93 12.18 0.48
C GLY D 114 -3.68 11.93 1.32
N ALA D 115 -3.88 11.48 2.56
CA ALA D 115 -2.79 11.33 3.51
C ALA D 115 -1.87 10.20 3.08
N PHE D 116 -0.63 10.24 3.55
CA PHE D 116 0.40 9.34 3.03
C PHE D 116 0.42 8.01 3.80
N ALA D 117 -0.14 6.97 3.18
CA ALA D 117 -0.21 5.66 3.85
C ALA D 117 1.05 4.84 3.63
N HIS D 118 1.66 5.02 2.45
CA HIS D 118 2.80 4.21 2.03
C HIS D 118 4.06 5.05 1.92
N TRP D 119 5.16 4.55 2.49
CA TRP D 119 6.42 5.29 2.53
C TRP D 119 7.64 4.51 2.01
N GLY D 120 8.58 5.22 1.40
CA GLY D 120 9.87 4.65 1.04
C GLY D 120 10.72 4.48 2.29
N GLN D 121 11.89 3.86 2.15
CA GLN D 121 12.76 3.64 3.30
C GLN D 121 13.54 4.91 3.62
N GLY D 122 13.59 5.83 2.66
CA GLY D 122 14.27 7.10 2.80
C GLY D 122 15.61 7.08 2.08
N THR D 123 16.01 8.24 1.56
CA THR D 123 17.33 8.41 0.97
C THR D 123 18.01 9.59 1.63
N LEU D 124 19.10 9.32 2.35
CA LEU D 124 19.89 10.37 2.97
C LEU D 124 20.70 11.10 1.90
N VAL D 125 20.65 12.43 1.91
CA VAL D 125 21.45 13.23 1.02
C VAL D 125 22.30 14.18 1.86
N THR D 126 23.62 13.97 1.88
CA THR D 126 24.51 14.85 2.60
C THR D 126 25.13 15.81 1.61
N VAL D 127 25.00 17.11 1.90
CA VAL D 127 25.65 18.15 1.12
C VAL D 127 26.72 18.77 2.00
N SER D 128 27.97 18.63 1.61
CA SER D 128 29.08 19.12 2.42
C SER D 128 30.26 19.61 1.58
N SER D 129 30.88 20.70 2.03
CA SER D 129 32.10 21.20 1.41
C SER D 129 33.33 20.41 1.84
N LEU D 130 33.20 19.68 2.95
CA LEU D 130 34.32 18.90 3.51
C LEU D 130 34.79 17.85 2.51
N GLU D 131 36.01 18.03 2.03
CA GLU D 131 36.59 17.17 1.00
C GLU D 131 36.73 15.74 1.48
N HIS D 132 36.83 15.56 2.79
CA HIS D 132 36.95 14.23 3.39
C HIS D 132 35.79 13.34 2.94
N HIS D 133 34.62 13.94 2.76
CA HIS D 133 33.42 13.23 2.32
C HIS D 133 33.50 12.76 0.87
N HIS D 134 34.15 13.56 0.03
CA HIS D 134 34.19 13.29 -1.41
C HIS D 134 35.45 12.56 -1.87
N HIS D 135 36.58 12.87 -1.24
CA HIS D 135 37.88 12.31 -1.64
C HIS D 135 38.41 13.04 -2.89
N LEU E 7 23.44 -52.04 9.02
CA LEU E 7 22.32 -51.32 8.36
C LEU E 7 22.04 -50.01 9.09
N THR E 8 22.78 -48.97 8.72
CA THR E 8 22.65 -47.66 9.34
C THR E 8 21.28 -47.05 9.05
N GLU E 9 20.77 -46.29 10.01
CA GLU E 9 19.48 -45.62 9.87
C GLU E 9 19.65 -44.11 9.74
N TYR E 10 18.80 -43.49 8.92
CA TYR E 10 18.74 -42.03 8.82
C TYR E 10 17.29 -41.61 8.73
N THR E 11 17.05 -40.30 8.88
CA THR E 11 15.73 -39.73 8.66
C THR E 11 15.77 -38.88 7.42
N LEU E 12 14.60 -38.63 6.83
CA LEU E 12 14.54 -37.96 5.56
C LEU E 12 13.24 -37.16 5.53
N GLN E 13 13.36 -35.88 5.18
CA GLN E 13 12.22 -34.99 5.11
C GLN E 13 11.95 -34.65 3.65
N ALA E 14 10.73 -34.90 3.18
CA ALA E 14 10.42 -34.63 1.79
C ALA E 14 8.97 -34.27 1.54
N ASN E 15 8.80 -33.49 0.50
CA ASN E 15 7.49 -33.24 -0.07
C ASN E 15 6.85 -34.57 -0.47
N TRP E 16 5.54 -34.64 -0.37
CA TRP E 16 4.78 -35.87 -0.63
C TRP E 16 4.97 -36.44 -2.04
N PHE E 17 5.06 -35.58 -3.04
CA PHE E 17 5.22 -36.03 -4.41
C PHE E 17 6.59 -36.67 -4.70
N ASP E 18 7.49 -36.62 -3.74
CA ASP E 18 8.84 -37.17 -3.92
C ASP E 18 9.01 -38.51 -3.21
N ILE E 19 8.06 -38.86 -2.35
CA ILE E 19 8.21 -40.04 -1.51
C ILE E 19 8.35 -41.33 -2.30
N THR E 20 7.47 -41.58 -3.27
CA THR E 20 7.56 -42.83 -4.03
C THR E 20 8.91 -42.93 -4.77
N GLY E 21 9.46 -41.79 -5.18
CA GLY E 21 10.76 -41.75 -5.84
C GLY E 21 11.86 -42.16 -4.87
N ILE E 22 11.69 -41.76 -3.61
CA ILE E 22 12.62 -42.14 -2.56
C ILE E 22 12.54 -43.66 -2.32
N LEU E 23 11.32 -44.18 -2.22
CA LEU E 23 11.11 -45.61 -2.10
C LEU E 23 11.88 -46.36 -3.19
N TRP E 24 11.77 -45.89 -4.43
CA TRP E 24 12.39 -46.52 -5.59
C TRP E 24 13.92 -46.51 -5.51
N LEU E 25 14.51 -45.37 -5.19
CA LEU E 25 15.95 -45.27 -5.00
C LEU E 25 16.41 -46.23 -3.91
N LEU E 26 15.65 -46.28 -2.81
CA LEU E 26 15.96 -47.20 -1.72
C LEU E 26 16.10 -48.63 -2.21
N GLY E 27 15.27 -49.03 -3.16
CA GLY E 27 15.31 -50.40 -3.69
C GLY E 27 16.67 -50.75 -4.29
N GLN E 28 17.33 -49.76 -4.86
CA GLN E 28 18.63 -49.98 -5.51
C GLN E 28 19.78 -49.91 -4.52
N VAL E 29 19.46 -49.95 -3.22
CA VAL E 29 20.46 -50.12 -2.18
C VAL E 29 19.95 -51.12 -1.13
N ASP E 30 19.03 -51.98 -1.56
CA ASP E 30 18.37 -52.96 -0.69
C ASP E 30 17.80 -52.35 0.59
N GLY E 31 17.45 -51.07 0.53
CA GLY E 31 17.01 -50.31 1.70
C GLY E 31 15.56 -50.57 2.06
N LYS E 32 15.16 -50.09 3.24
CA LYS E 32 13.79 -50.28 3.71
C LYS E 32 13.26 -49.04 4.43
N ILE E 33 11.95 -48.83 4.36
CA ILE E 33 11.33 -47.75 5.11
C ILE E 33 10.96 -48.29 6.49
N ILE E 34 11.59 -47.72 7.50
CA ILE E 34 11.35 -48.15 8.87
C ILE E 34 10.01 -47.59 9.34
N ASN E 35 9.91 -46.26 9.33
CA ASN E 35 8.74 -45.57 9.86
C ASN E 35 8.43 -44.36 9.00
N SER E 36 7.18 -43.90 9.07
CA SER E 36 6.76 -42.70 8.35
C SER E 36 5.89 -41.82 9.25
N ASP E 37 5.94 -40.51 9.03
CA ASP E 37 5.14 -39.56 9.80
C ASP E 37 4.79 -38.37 8.91
N VAL E 38 3.76 -37.62 9.28
CA VAL E 38 3.42 -36.39 8.57
C VAL E 38 3.46 -35.23 9.53
N GLN E 39 4.09 -34.13 9.10
CA GLN E 39 4.28 -32.96 9.96
C GLN E 39 4.14 -31.68 9.18
N ALA E 40 3.43 -30.70 9.75
CA ALA E 40 3.38 -29.36 9.19
C ALA E 40 4.40 -28.48 9.92
N PHE E 41 5.07 -27.60 9.17
CA PHE E 41 6.02 -26.66 9.73
C PHE E 41 5.76 -25.26 9.17
N VAL E 42 6.11 -24.24 9.94
CA VAL E 42 6.12 -22.89 9.42
C VAL E 42 7.51 -22.63 8.83
N LEU E 43 7.57 -22.11 7.60
CA LEU E 43 8.84 -21.69 7.02
C LEU E 43 8.99 -20.17 7.15
N LEU E 44 10.16 -19.75 7.61
CA LEU E 44 10.47 -18.34 7.76
C LEU E 44 11.64 -17.98 6.86
N ARG E 45 11.52 -16.83 6.20
CA ARG E 45 12.65 -16.20 5.52
C ARG E 45 12.96 -14.94 6.33
N VAL E 46 14.11 -14.92 6.99
CA VAL E 46 14.43 -13.83 7.91
C VAL E 46 15.60 -13.00 7.39
N ALA E 47 15.73 -11.79 7.95
CA ALA E 47 16.81 -10.90 7.59
C ALA E 47 17.44 -10.31 8.86
N LEU E 48 18.74 -10.44 8.99
CA LEU E 48 19.46 -9.78 10.09
C LEU E 48 20.87 -9.38 9.67
N PRO E 49 21.52 -8.50 10.45
CA PRO E 49 22.85 -8.05 10.08
C PRO E 49 23.87 -9.16 10.20
N ALA E 50 24.87 -9.17 9.33
CA ALA E 50 25.90 -10.20 9.34
C ALA E 50 26.54 -10.37 10.73
N ALA E 51 26.72 -9.26 11.44
CA ALA E 51 27.33 -9.29 12.77
C ALA E 51 26.54 -10.06 13.83
N LYS E 52 25.23 -10.24 13.62
CA LYS E 52 24.40 -10.88 14.66
C LYS E 52 24.08 -12.35 14.38
N VAL E 53 24.48 -12.86 13.22
CA VAL E 53 24.09 -14.21 12.80
C VAL E 53 24.55 -15.29 13.78
N ALA E 54 25.73 -15.13 14.37
CA ALA E 54 26.26 -16.12 15.30
C ALA E 54 25.46 -16.10 16.59
N GLU E 55 25.27 -14.91 17.15
CA GLU E 55 24.49 -14.75 18.36
C GLU E 55 23.09 -15.33 18.19
N PHE E 56 22.47 -15.03 17.06
CA PHE E 56 21.12 -15.52 16.75
C PHE E 56 21.14 -17.04 16.64
N SER E 57 22.06 -17.56 15.83
CA SER E 57 22.18 -18.99 15.60
C SER E 57 22.41 -19.77 16.89
N ALA E 58 23.19 -19.18 17.81
CA ALA E 58 23.49 -19.82 19.09
C ALA E 58 22.25 -19.90 19.97
N LYS E 59 21.62 -18.76 20.22
CA LYS E 59 20.40 -18.72 21.02
C LYS E 59 19.32 -19.58 20.38
N LEU E 60 19.32 -19.63 19.06
CA LEU E 60 18.35 -20.42 18.30
C LEU E 60 18.53 -21.91 18.59
N ALA E 61 19.77 -22.32 18.87
CA ALA E 61 20.07 -23.70 19.22
C ALA E 61 19.66 -23.99 20.67
N ASP E 62 19.95 -23.05 21.55
CA ASP E 62 19.57 -23.19 22.96
C ASP E 62 18.05 -23.24 23.11
N PHE E 63 17.37 -22.34 22.41
CA PHE E 63 15.91 -22.26 22.44
C PHE E 63 15.23 -23.51 21.87
N SER E 64 15.91 -24.18 20.95
CA SER E 64 15.34 -25.31 20.23
C SER E 64 15.97 -26.64 20.61
N GLY E 65 16.68 -26.68 21.74
CA GLY E 65 17.40 -27.88 22.14
C GLY E 65 18.21 -28.48 21.00
N GLY E 66 18.83 -27.61 20.20
CA GLY E 66 19.74 -28.05 19.14
C GLY E 66 19.10 -28.55 17.86
N SER E 67 17.79 -28.36 17.72
CA SER E 67 17.08 -28.80 16.52
C SER E 67 17.14 -27.74 15.41
N LEU E 68 16.69 -26.53 15.73
CA LEU E 68 16.63 -25.45 14.74
C LEU E 68 17.98 -25.15 14.10
N GLN E 69 17.96 -25.10 12.77
CA GLN E 69 19.15 -24.85 11.98
C GLN E 69 18.91 -23.70 11.00
N LEU E 70 19.72 -22.65 11.12
CA LEU E 70 19.61 -21.50 10.24
C LEU E 70 20.36 -21.78 8.94
N LEU E 71 19.63 -21.81 7.83
CA LEU E 71 20.22 -22.13 6.53
C LEU E 71 20.38 -20.89 5.63
N ALA E 72 21.47 -20.86 4.87
CA ALA E 72 21.81 -19.69 4.05
C ALA E 72 21.12 -19.73 2.69
N ILE E 73 20.80 -18.57 2.16
CA ILE E 73 20.20 -18.44 0.83
C ILE E 73 21.26 -18.11 -0.22
N GLU E 74 21.50 -19.04 -1.15
CA GLU E 74 22.46 -18.81 -2.23
C GLU E 74 21.74 -18.41 -3.52
N VAL F 4 -1.48 -49.07 -18.47
CA VAL F 4 -2.05 -49.14 -17.08
C VAL F 4 -3.47 -48.56 -17.02
N GLN F 5 -4.47 -49.43 -17.02
CA GLN F 5 -5.87 -48.99 -17.01
C GLN F 5 -6.36 -48.65 -15.61
N LEU F 6 -7.16 -47.59 -15.51
CA LEU F 6 -7.84 -47.24 -14.27
C LEU F 6 -9.33 -47.09 -14.57
N VAL F 7 -10.16 -47.88 -13.89
CA VAL F 7 -11.60 -47.86 -14.16
C VAL F 7 -12.36 -47.39 -12.92
N GLN F 8 -13.22 -46.38 -13.11
CA GLN F 8 -13.95 -45.75 -12.01
C GLN F 8 -15.40 -46.18 -11.96
N SER F 9 -16.00 -46.09 -10.77
CA SER F 9 -17.42 -46.37 -10.59
C SER F 9 -18.28 -45.43 -11.44
N GLY F 10 -19.53 -45.85 -11.68
CA GLY F 10 -20.44 -45.12 -12.55
C GLY F 10 -20.97 -43.82 -11.96
N ALA F 11 -21.66 -43.04 -12.79
CA ALA F 11 -22.23 -41.75 -12.38
C ALA F 11 -23.08 -41.90 -11.14
N GLU F 12 -23.19 -40.82 -10.39
CA GLU F 12 -23.89 -40.85 -9.12
C GLU F 12 -24.62 -39.53 -8.88
N VAL F 13 -25.77 -39.63 -8.22
CA VAL F 13 -26.61 -38.46 -8.00
C VAL F 13 -26.99 -38.38 -6.54
N LYS F 14 -26.52 -37.33 -5.87
CA LYS F 14 -26.60 -37.25 -4.43
C LYS F 14 -27.33 -36.00 -3.96
N ARG F 15 -27.66 -35.96 -2.67
CA ARG F 15 -28.39 -34.84 -2.08
C ARG F 15 -27.51 -34.09 -1.09
N PRO F 16 -27.65 -32.76 -1.03
CA PRO F 16 -26.88 -31.95 -0.12
C PRO F 16 -26.75 -32.57 1.26
N GLY F 17 -25.55 -32.56 1.83
CA GLY F 17 -25.29 -33.16 3.13
C GLY F 17 -24.97 -34.64 3.10
N SER F 18 -25.23 -35.30 1.98
CA SER F 18 -25.02 -36.74 1.87
C SER F 18 -23.55 -37.06 1.58
N SER F 19 -23.26 -38.33 1.27
CA SER F 19 -21.90 -38.75 0.95
C SER F 19 -21.83 -39.66 -0.28
N VAL F 20 -20.69 -39.63 -0.95
CA VAL F 20 -20.45 -40.47 -2.10
C VAL F 20 -19.04 -41.06 -2.02
N THR F 21 -18.90 -42.30 -2.45
CA THR F 21 -17.60 -42.92 -2.56
C THR F 21 -17.41 -43.33 -4.01
N VAL F 22 -16.28 -42.90 -4.58
CA VAL F 22 -15.94 -43.24 -5.94
C VAL F 22 -14.76 -44.20 -5.92
N SER F 23 -14.87 -45.28 -6.69
CA SER F 23 -13.84 -46.31 -6.69
C SER F 23 -13.00 -46.16 -7.94
N CYS F 24 -11.73 -46.53 -7.85
CA CYS F 24 -10.82 -46.47 -8.97
C CYS F 24 -9.95 -47.71 -8.91
N LYS F 25 -10.08 -48.58 -9.92
CA LYS F 25 -9.37 -49.84 -9.89
C LYS F 25 -8.26 -49.87 -10.93
N ALA F 26 -7.05 -50.16 -10.48
CA ALA F 26 -5.90 -50.21 -11.36
C ALA F 26 -5.70 -51.64 -11.83
N SER F 27 -5.38 -51.80 -13.10
CA SER F 27 -4.89 -53.07 -13.59
C SER F 27 -3.72 -52.80 -14.50
N GLY F 28 -2.58 -53.41 -14.20
CA GLY F 28 -1.36 -53.23 -14.98
C GLY F 28 -0.21 -52.83 -14.07
N GLY F 29 0.77 -53.71 -13.92
CA GLY F 29 1.98 -53.42 -13.15
C GLY F 29 1.70 -53.39 -11.66
N SER F 30 2.64 -52.84 -10.90
CA SER F 30 2.51 -52.75 -9.44
C SER F 30 1.59 -51.59 -9.08
N PHE F 31 0.96 -51.69 -7.90
CA PHE F 31 -0.04 -50.71 -7.44
C PHE F 31 0.39 -49.98 -6.17
N SER F 32 1.01 -50.70 -5.24
CA SER F 32 1.31 -50.16 -3.92
C SER F 32 2.41 -49.09 -3.93
N THR F 33 3.28 -49.10 -4.95
CA THR F 33 4.44 -48.24 -4.95
C THR F 33 4.29 -47.00 -5.82
N TYR F 34 3.06 -46.61 -6.15
CA TYR F 34 2.84 -45.41 -6.95
C TYR F 34 1.77 -44.50 -6.33
N ALA F 35 2.00 -43.19 -6.42
CA ALA F 35 1.08 -42.22 -5.86
C ALA F 35 -0.15 -42.06 -6.75
N LEU F 36 -1.30 -42.42 -6.18
CA LEU F 36 -2.57 -42.23 -6.86
C LEU F 36 -3.25 -40.99 -6.30
N SER F 37 -3.75 -40.13 -7.18
CA SER F 37 -4.40 -38.88 -6.77
C SER F 37 -5.81 -38.79 -7.32
N TRP F 38 -6.61 -37.94 -6.67
CA TRP F 38 -7.92 -37.61 -7.18
C TRP F 38 -7.93 -36.15 -7.62
N VAL F 39 -8.45 -35.91 -8.82
CA VAL F 39 -8.53 -34.60 -9.43
C VAL F 39 -9.98 -34.44 -9.88
N ARG F 40 -10.54 -33.24 -9.77
CA ARG F 40 -11.91 -33.04 -10.23
C ARG F 40 -12.03 -31.81 -11.12
N GLN F 41 -13.16 -31.72 -11.79
CA GLN F 41 -13.43 -30.67 -12.76
C GLN F 41 -14.91 -30.34 -12.75
N ALA F 42 -15.26 -29.16 -12.25
CA ALA F 42 -16.64 -28.70 -12.32
C ALA F 42 -16.99 -28.41 -13.79
N PRO F 43 -18.29 -28.42 -14.12
CA PRO F 43 -18.70 -28.19 -15.51
C PRO F 43 -18.14 -26.91 -16.09
N GLY F 44 -17.45 -27.00 -17.22
CA GLY F 44 -16.91 -25.83 -17.88
C GLY F 44 -15.71 -25.18 -17.19
N ARG F 45 -15.26 -25.76 -16.08
CA ARG F 45 -14.16 -25.17 -15.30
C ARG F 45 -12.86 -26.00 -15.34
N GLY F 46 -11.87 -25.61 -14.53
CA GLY F 46 -10.52 -26.18 -14.61
C GLY F 46 -10.31 -27.40 -13.75
N LEU F 47 -9.19 -28.09 -13.98
CA LEU F 47 -8.80 -29.24 -13.17
C LEU F 47 -8.36 -28.77 -11.79
N GLU F 48 -8.61 -29.57 -10.78
CA GLU F 48 -8.34 -29.19 -9.41
C GLU F 48 -7.86 -30.39 -8.60
N TRP F 49 -6.68 -30.30 -8.02
CA TRP F 49 -6.10 -31.42 -7.26
C TRP F 49 -6.66 -31.47 -5.86
N MET F 50 -7.27 -32.60 -5.49
CA MET F 50 -7.96 -32.73 -4.23
C MET F 50 -7.12 -33.39 -3.14
N GLY F 51 -6.41 -34.45 -3.50
CA GLY F 51 -5.57 -35.17 -2.55
C GLY F 51 -5.09 -36.49 -3.13
N GLY F 52 -4.32 -37.26 -2.37
CA GLY F 52 -3.85 -38.56 -2.83
C GLY F 52 -3.39 -39.54 -1.74
N VAL F 53 -3.02 -40.74 -2.16
CA VAL F 53 -2.46 -41.72 -1.24
C VAL F 53 -1.31 -42.47 -1.89
N ILE F 54 -0.32 -42.83 -1.07
CA ILE F 54 0.71 -43.79 -1.46
C ILE F 54 0.36 -45.08 -0.73
N PRO F 55 -0.23 -46.06 -1.42
CA PRO F 55 -0.76 -47.24 -0.77
C PRO F 55 0.20 -48.00 0.15
N LEU F 56 1.42 -48.27 -0.32
CA LEU F 56 2.36 -49.10 0.44
C LEU F 56 2.51 -48.57 1.87
N LEU F 57 2.69 -47.25 1.99
CA LEU F 57 2.94 -46.61 3.28
C LEU F 57 1.67 -46.10 3.96
N THR F 58 0.54 -46.21 3.29
CA THR F 58 -0.71 -45.66 3.82
C THR F 58 -0.53 -44.19 4.20
N ILE F 59 0.12 -43.42 3.33
CA ILE F 59 0.35 -42.00 3.58
C ILE F 59 -0.56 -41.19 2.69
N THR F 60 -1.41 -40.37 3.30
CA THR F 60 -2.33 -39.55 2.57
C THR F 60 -1.87 -38.08 2.59
N ASN F 61 -2.40 -37.32 1.64
CA ASN F 61 -2.00 -35.95 1.42
C ASN F 61 -3.20 -35.27 0.81
N TYR F 62 -3.83 -34.38 1.56
CA TYR F 62 -5.02 -33.69 1.10
C TYR F 62 -4.72 -32.23 0.89
N ALA F 63 -5.39 -31.63 -0.09
CA ALA F 63 -5.33 -30.19 -0.28
C ALA F 63 -6.15 -29.56 0.85
N PRO F 64 -5.60 -28.55 1.54
CA PRO F 64 -6.30 -27.88 2.63
C PRO F 64 -7.79 -27.61 2.37
N ARG F 65 -8.15 -27.12 1.18
CA ARG F 65 -9.56 -26.85 0.87
C ARG F 65 -10.50 -27.99 1.31
N PHE F 66 -10.07 -29.23 1.09
CA PHE F 66 -10.90 -30.40 1.36
C PHE F 66 -10.53 -31.13 2.67
N GLN F 67 -9.45 -30.72 3.33
CA GLN F 67 -9.03 -31.33 4.59
CA GLN F 67 -9.03 -31.33 4.59
C GLN F 67 -10.18 -31.29 5.60
N GLY F 68 -10.64 -32.46 6.03
CA GLY F 68 -11.80 -32.57 6.93
C GLY F 68 -13.06 -33.10 6.26
N ARG F 69 -13.15 -32.99 4.94
CA ARG F 69 -14.30 -33.49 4.19
C ARG F 69 -13.97 -34.72 3.35
N ILE F 70 -12.69 -35.06 3.24
CA ILE F 70 -12.24 -36.02 2.26
C ILE F 70 -11.42 -37.13 2.92
N THR F 71 -11.64 -38.36 2.47
CA THR F 71 -10.88 -39.52 2.91
C THR F 71 -10.49 -40.36 1.70
N ILE F 72 -9.20 -40.47 1.44
CA ILE F 72 -8.73 -41.29 0.32
C ILE F 72 -8.11 -42.54 0.89
N THR F 73 -8.57 -43.70 0.44
CA THR F 73 -8.06 -44.96 0.96
C THR F 73 -7.65 -45.88 -0.19
N ALA F 74 -6.82 -46.87 0.12
CA ALA F 74 -6.34 -47.81 -0.88
C ALA F 74 -6.51 -49.25 -0.39
N ASP F 75 -6.78 -50.18 -1.32
CA ASP F 75 -7.02 -51.57 -0.97
C ASP F 75 -6.08 -52.45 -1.79
N ARG F 76 -4.91 -52.72 -1.20
CA ARG F 76 -3.83 -53.42 -1.89
C ARG F 76 -4.22 -54.77 -2.47
N SER F 77 -5.23 -55.40 -1.86
CA SER F 77 -5.72 -56.70 -2.31
C SER F 77 -6.34 -56.64 -3.70
N THR F 78 -7.14 -55.59 -3.94
CA THR F 78 -7.89 -55.45 -5.18
C THR F 78 -7.31 -54.38 -6.12
N SER F 79 -6.22 -53.74 -5.72
CA SER F 79 -5.59 -52.66 -6.50
C SER F 79 -6.55 -51.51 -6.74
N THR F 80 -7.22 -51.07 -5.67
CA THR F 80 -8.34 -50.15 -5.80
C THR F 80 -8.25 -48.97 -4.85
N ALA F 81 -8.34 -47.76 -5.40
CA ALA F 81 -8.36 -46.54 -4.62
C ALA F 81 -9.80 -46.05 -4.48
N TYR F 82 -10.08 -45.35 -3.39
CA TYR F 82 -11.41 -44.83 -3.12
C TYR F 82 -11.35 -43.37 -2.71
N LEU F 83 -12.38 -42.61 -3.10
CA LEU F 83 -12.50 -41.22 -2.71
C LEU F 83 -13.82 -41.06 -1.99
N GLU F 84 -13.74 -40.74 -0.71
CA GLU F 84 -14.93 -40.45 0.07
C GLU F 84 -15.03 -38.95 0.29
N LEU F 85 -16.12 -38.36 -0.18
CA LEU F 85 -16.34 -36.93 -0.08
C LEU F 85 -17.60 -36.70 0.74
N ASN F 86 -17.47 -35.99 1.85
CA ASN F 86 -18.58 -35.80 2.81
C ASN F 86 -19.22 -34.41 2.75
N SER F 87 -20.43 -34.29 3.31
CA SER F 87 -21.14 -33.01 3.36
C SER F 87 -21.24 -32.40 1.96
N LEU F 88 -21.62 -33.20 0.98
CA LEU F 88 -21.72 -32.73 -0.38
C LEU F 88 -22.52 -31.43 -0.46
N ARG F 89 -21.96 -30.44 -1.14
CA ARG F 89 -22.64 -29.20 -1.44
C ARG F 89 -22.81 -29.16 -2.95
N PRO F 90 -23.70 -28.28 -3.45
CA PRO F 90 -23.93 -28.24 -4.91
C PRO F 90 -22.73 -27.72 -5.70
N GLU F 91 -21.80 -27.06 -5.02
CA GLU F 91 -20.55 -26.62 -5.64
C GLU F 91 -19.60 -27.80 -5.86
N ASP F 92 -19.95 -28.97 -5.34
CA ASP F 92 -19.15 -30.20 -5.52
C ASP F 92 -19.53 -30.91 -6.80
N THR F 93 -20.60 -30.48 -7.46
CA THR F 93 -20.99 -31.07 -8.73
C THR F 93 -19.85 -30.94 -9.71
N ALA F 94 -19.37 -32.07 -10.21
CA ALA F 94 -18.17 -32.12 -11.05
C ALA F 94 -17.89 -33.54 -11.50
N VAL F 95 -16.97 -33.67 -12.46
CA VAL F 95 -16.44 -34.97 -12.84
C VAL F 95 -15.17 -35.21 -12.03
N TYR F 96 -15.12 -36.31 -11.30
CA TYR F 96 -13.95 -36.67 -10.50
C TYR F 96 -13.13 -37.74 -11.20
N TYR F 97 -11.88 -37.41 -11.50
CA TYR F 97 -10.97 -38.35 -12.16
C TYR F 97 -9.95 -38.84 -11.16
N CYS F 98 -9.62 -40.13 -11.21
CA CYS F 98 -8.45 -40.63 -10.49
C CYS F 98 -7.25 -40.54 -11.43
N ALA F 99 -6.08 -40.26 -10.88
CA ALA F 99 -4.90 -40.02 -11.69
C ALA F 99 -3.67 -40.54 -10.98
N ARG F 100 -2.89 -41.35 -11.69
CA ARG F 100 -1.73 -41.99 -11.09
C ARG F 100 -0.46 -41.55 -11.79
N GLU F 101 0.58 -41.34 -11.00
CA GLU F 101 1.86 -40.90 -11.53
C GLU F 101 2.39 -41.94 -12.49
N GLY F 102 3.07 -41.48 -13.54
CA GLY F 102 3.74 -42.38 -14.47
C GLY F 102 5.12 -42.79 -14.00
N THR F 103 5.81 -43.55 -14.84
CA THR F 103 7.16 -44.00 -14.55
C THR F 103 8.06 -43.71 -15.75
N THR F 104 9.33 -43.40 -15.49
CA THR F 104 10.25 -43.09 -16.57
C THR F 104 10.45 -44.32 -17.43
N GLY F 105 10.63 -44.10 -18.73
CA GLY F 105 10.88 -45.19 -19.67
C GLY F 105 9.64 -46.02 -19.92
N ALA F 106 9.65 -46.80 -20.99
CA ALA F 106 8.58 -47.74 -21.26
C ALA F 106 8.73 -48.93 -20.30
N GLY F 107 7.66 -49.69 -20.13
CA GLY F 107 7.64 -50.71 -19.08
C GLY F 107 7.13 -50.08 -17.80
N TRP F 108 6.37 -50.85 -17.03
CA TRP F 108 5.68 -50.34 -15.86
C TRP F 108 6.60 -50.09 -14.65
N LEU F 109 7.82 -50.61 -14.69
CA LEU F 109 8.70 -50.60 -13.52
C LEU F 109 9.77 -49.50 -13.49
N GLY F 110 9.57 -48.41 -14.22
CA GLY F 110 10.54 -47.32 -14.20
C GLY F 110 10.58 -46.49 -12.92
N LYS F 111 11.22 -45.32 -13.00
CA LYS F 111 11.27 -44.37 -11.89
C LYS F 111 9.99 -43.57 -11.83
N PRO F 112 9.45 -43.36 -10.62
CA PRO F 112 8.30 -42.47 -10.41
C PRO F 112 8.58 -41.03 -10.83
N ILE F 113 7.61 -40.39 -11.49
CA ILE F 113 7.80 -39.05 -12.04
C ILE F 113 6.89 -38.00 -11.38
N GLY F 114 5.95 -38.44 -10.56
CA GLY F 114 5.05 -37.53 -9.85
C GLY F 114 3.86 -37.06 -10.68
N ALA F 115 4.16 -36.55 -11.87
CA ALA F 115 3.12 -36.09 -12.79
C ALA F 115 2.20 -37.24 -13.18
N PHE F 116 0.95 -36.93 -13.51
CA PHE F 116 -0.08 -37.95 -13.72
C PHE F 116 -0.19 -38.44 -15.17
N ALA F 117 0.39 -39.60 -15.47
CA ALA F 117 0.34 -40.16 -16.83
C ALA F 117 -0.88 -41.07 -17.08
N HIS F 118 -1.53 -41.53 -16.01
CA HIS F 118 -2.60 -42.53 -16.13
C HIS F 118 -3.89 -42.05 -15.48
N TRP F 119 -4.98 -42.04 -16.25
CA TRP F 119 -6.24 -41.45 -15.80
C TRP F 119 -7.44 -42.39 -15.93
N GLY F 120 -8.37 -42.29 -14.99
CA GLY F 120 -9.62 -43.00 -15.12
C GLY F 120 -10.51 -42.29 -16.11
N GLN F 121 -11.60 -42.94 -16.50
CA GLN F 121 -12.53 -42.36 -17.47
C GLN F 121 -13.27 -41.18 -16.86
N GLY F 122 -13.24 -41.08 -15.53
CA GLY F 122 -13.90 -39.98 -14.80
C GLY F 122 -15.24 -40.41 -14.25
N THR F 123 -15.71 -39.73 -13.21
CA THR F 123 -16.99 -40.03 -12.59
C THR F 123 -17.77 -38.78 -12.21
N LEU F 124 -18.94 -38.60 -12.83
CA LEU F 124 -19.76 -37.43 -12.58
C LEU F 124 -20.59 -37.63 -11.33
N VAL F 125 -20.49 -36.68 -10.42
CA VAL F 125 -21.32 -36.66 -9.23
C VAL F 125 -22.17 -35.40 -9.29
N THR F 126 -23.50 -35.57 -9.30
CA THR F 126 -24.40 -34.43 -9.31
C THR F 126 -25.02 -34.26 -7.94
N VAL F 127 -24.90 -33.07 -7.36
CA VAL F 127 -25.52 -32.76 -6.08
C VAL F 127 -26.71 -31.85 -6.36
N SER F 128 -27.92 -32.37 -6.13
CA SER F 128 -29.14 -31.67 -6.49
C SER F 128 -30.16 -31.72 -5.35
N SER F 129 -30.78 -30.57 -5.07
CA SER F 129 -31.77 -30.45 -3.99
C SER F 129 -33.07 -31.16 -4.35
N ALA G 2 2.40 -37.07 13.98
CA ALA G 2 1.15 -37.84 14.20
C ALA G 2 0.36 -37.18 15.32
N GLU G 3 -0.84 -37.69 15.59
CA GLU G 3 -1.54 -37.29 16.80
C GLU G 3 -0.92 -38.06 17.96
N ILE G 4 -0.02 -37.41 18.67
CA ILE G 4 0.61 -38.03 19.82
C ILE G 4 -0.46 -38.26 20.89
N VAL G 5 -0.60 -39.50 21.32
CA VAL G 5 -1.56 -39.85 22.35
C VAL G 5 -0.87 -39.73 23.71
N LEU G 6 -1.50 -38.98 24.61
CA LEU G 6 -0.99 -38.82 25.98
C LEU G 6 -1.86 -39.57 26.97
N THR G 7 -1.37 -40.71 27.44
CA THR G 7 -2.11 -41.49 28.40
C THR G 7 -1.72 -41.08 29.82
N GLN G 8 -2.70 -40.59 30.58
CA GLN G 8 -2.50 -40.18 31.96
C GLN G 8 -3.04 -41.22 32.91
N SER G 9 -2.32 -41.45 34.01
CA SER G 9 -2.76 -42.39 35.04
C SER G 9 -2.31 -41.98 36.44
N PRO G 10 -3.06 -42.42 37.47
CA PRO G 10 -4.34 -43.12 37.33
C PRO G 10 -5.39 -42.22 36.73
N GLY G 11 -6.51 -42.80 36.28
CA GLY G 11 -7.61 -42.01 35.73
C GLY G 11 -8.26 -41.19 36.82
N THR G 12 -8.56 -41.86 37.93
CA THR G 12 -9.04 -41.20 39.14
C THR G 12 -8.29 -41.79 40.32
N GLN G 13 -8.12 -41.01 41.38
CA GLN G 13 -7.69 -41.60 42.64
C GLN G 13 -7.88 -40.65 43.81
N SER G 14 -7.87 -41.23 45.01
CA SER G 14 -8.21 -40.50 46.21
C SER G 14 -7.01 -40.35 47.13
N LEU G 15 -6.90 -39.17 47.73
CA LEU G 15 -5.82 -38.88 48.67
C LEU G 15 -6.37 -37.96 49.75
N SER G 16 -5.61 -37.81 50.82
CA SER G 16 -5.98 -36.90 51.90
C SER G 16 -5.13 -35.64 51.84
N PRO G 17 -5.66 -34.52 52.36
CA PRO G 17 -4.85 -33.31 52.53
C PRO G 17 -3.52 -33.61 53.21
N GLY G 18 -2.44 -33.06 52.68
CA GLY G 18 -1.11 -33.31 53.25
C GLY G 18 -0.35 -34.44 52.60
N GLU G 19 -1.03 -35.30 51.84
CA GLU G 19 -0.36 -36.44 51.22
C GLU G 19 0.28 -36.07 49.89
N ARG G 20 1.18 -36.92 49.42
CA ARG G 20 1.91 -36.70 48.19
C ARG G 20 1.21 -37.42 47.03
N ALA G 21 0.95 -36.68 45.95
CA ALA G 21 0.27 -37.21 44.78
C ALA G 21 1.26 -37.23 43.62
N THR G 22 1.37 -38.38 42.95
CA THR G 22 2.29 -38.48 41.84
C THR G 22 1.57 -38.97 40.59
N LEU G 23 1.49 -38.08 39.61
CA LEU G 23 0.65 -38.26 38.43
C LEU G 23 1.52 -38.53 37.20
N SER G 24 1.11 -39.50 36.38
CA SER G 24 1.90 -39.88 35.22
C SER G 24 1.22 -39.48 33.91
N CYS G 25 2.04 -39.08 32.94
CA CYS G 25 1.58 -38.81 31.59
C CYS G 25 2.51 -39.54 30.64
N ARG G 26 2.00 -40.60 30.01
CA ARG G 26 2.78 -41.39 29.04
C ARG G 26 2.44 -40.98 27.58
N ALA G 27 3.47 -40.74 26.78
CA ALA G 27 3.29 -40.26 25.42
C ALA G 27 3.58 -41.35 24.41
N SER G 28 2.72 -41.50 23.41
CA SER G 28 2.89 -42.54 22.40
C SER G 28 4.16 -42.35 21.55
N GLN G 29 4.71 -41.15 21.54
CA GLN G 29 6.00 -40.87 20.89
C GLN G 29 6.81 -39.89 21.73
N SER G 30 8.11 -39.81 21.43
CA SER G 30 8.98 -38.85 22.07
C SER G 30 8.46 -37.44 21.82
N VAL G 31 8.46 -36.62 22.87
CA VAL G 31 7.94 -35.26 22.80
C VAL G 31 9.08 -34.28 22.53
N GLY G 32 9.01 -33.61 21.39
CA GLY G 32 10.04 -32.68 20.94
C GLY G 32 10.46 -31.66 21.98
N ASN G 33 11.76 -31.50 22.15
CA ASN G 33 12.34 -30.53 23.07
C ASN G 33 11.65 -30.49 24.44
N ASN G 34 11.21 -31.64 24.93
CA ASN G 34 10.54 -31.73 26.22
C ASN G 34 9.39 -30.72 26.38
N LYS G 35 8.72 -30.40 25.29
CA LYS G 35 7.63 -29.43 25.35
C LYS G 35 6.35 -30.07 25.88
N LEU G 36 6.24 -30.13 27.19
CA LEU G 36 5.12 -30.76 27.86
C LEU G 36 4.65 -29.89 29.02
N ALA G 37 3.36 -29.58 29.05
CA ALA G 37 2.79 -28.73 30.10
C ALA G 37 1.81 -29.50 30.98
N TRP G 38 1.62 -29.04 32.22
CA TRP G 38 0.64 -29.61 33.16
C TRP G 38 -0.34 -28.54 33.62
N TYR G 39 -1.63 -28.82 33.51
CA TYR G 39 -2.67 -27.90 33.98
C TYR G 39 -3.50 -28.46 35.14
N GLN G 40 -4.03 -27.56 35.96
CA GLN G 40 -4.95 -27.93 37.03
C GLN G 40 -6.28 -27.28 36.72
N GLN G 41 -7.36 -28.04 36.80
CA GLN G 41 -8.69 -27.47 36.58
C GLN G 41 -9.65 -27.84 37.70
N ARG G 42 -10.10 -26.83 38.42
CA ARG G 42 -11.08 -26.99 39.48
C ARG G 42 -12.48 -26.86 38.89
N PRO G 43 -13.49 -27.37 39.59
CA PRO G 43 -14.86 -27.33 39.05
C PRO G 43 -15.33 -25.93 38.72
N GLY G 44 -15.96 -25.77 37.55
CA GLY G 44 -16.48 -24.47 37.10
C GLY G 44 -15.41 -23.46 36.71
N GLN G 45 -14.16 -23.89 36.68
CA GLN G 45 -13.06 -22.97 36.43
C GLN G 45 -12.29 -23.28 35.16
N ALA G 46 -11.58 -22.27 34.67
CA ALA G 46 -10.71 -22.44 33.53
C ALA G 46 -9.42 -23.11 34.01
N PRO G 47 -8.75 -23.85 33.12
CA PRO G 47 -7.47 -24.43 33.50
C PRO G 47 -6.44 -23.38 33.93
N ARG G 48 -5.52 -23.80 34.78
CA ARG G 48 -4.44 -22.97 35.29
C ARG G 48 -3.13 -23.70 34.99
N LEU G 49 -2.11 -22.97 34.57
CA LEU G 49 -0.83 -23.58 34.18
C LEU G 49 0.05 -23.80 35.41
N LEU G 50 0.53 -25.02 35.59
CA LEU G 50 1.35 -25.39 36.72
C LEU G 50 2.79 -25.58 36.32
N ILE G 51 2.99 -26.22 35.16
CA ILE G 51 4.32 -26.52 34.67
C ILE G 51 4.34 -26.42 33.17
N TYR G 52 5.45 -25.93 32.62
CA TYR G 52 5.68 -25.93 31.19
C TYR G 52 7.09 -26.45 30.99
N GLY G 53 7.42 -26.80 29.76
CA GLY G 53 8.75 -27.32 29.44
C GLY G 53 9.08 -28.53 30.29
N ALA G 54 8.05 -29.28 30.68
CA ALA G 54 8.21 -30.50 31.46
C ALA G 54 8.54 -30.25 32.94
N SER G 55 9.47 -29.34 33.21
CA SER G 55 9.99 -29.16 34.57
C SER G 55 10.11 -27.71 35.03
N SER G 56 9.49 -26.77 34.32
CA SER G 56 9.59 -25.37 34.69
C SER G 56 8.31 -24.85 35.32
N ARG G 57 8.47 -24.08 36.38
CA ARG G 57 7.33 -23.57 37.09
C ARG G 57 7.23 -22.08 36.81
N PRO G 58 6.04 -21.61 36.43
CA PRO G 58 5.87 -20.17 36.29
C PRO G 58 5.79 -19.49 37.64
N SER G 59 5.98 -18.17 37.67
CA SER G 59 5.86 -17.41 38.90
C SER G 59 4.42 -17.49 39.42
N GLY G 60 4.26 -17.52 40.73
CA GLY G 60 2.92 -17.56 41.32
C GLY G 60 2.32 -18.96 41.36
N VAL G 61 3.13 -19.96 41.03
CA VAL G 61 2.74 -21.35 41.20
C VAL G 61 3.55 -21.94 42.36
N ALA G 62 2.87 -22.48 43.35
CA ALA G 62 3.53 -22.93 44.58
C ALA G 62 4.60 -23.95 44.30
N ASP G 63 5.64 -23.97 45.13
CA ASP G 63 6.77 -24.89 44.91
C ASP G 63 6.45 -26.35 45.23
N ARG G 64 5.26 -26.62 45.73
CA ARG G 64 4.84 -27.99 45.98
C ARG G 64 4.58 -28.74 44.67
N PHE G 65 4.29 -28.02 43.60
CA PHE G 65 4.17 -28.63 42.28
C PHE G 65 5.55 -28.73 41.63
N SER G 66 5.90 -29.94 41.22
CA SER G 66 7.19 -30.19 40.59
C SER G 66 7.01 -31.14 39.43
N GLY G 67 7.58 -30.80 38.28
CA GLY G 67 7.43 -31.64 37.10
C GLY G 67 8.75 -32.23 36.67
N SER G 68 8.72 -33.47 36.20
CA SER G 68 9.93 -34.12 35.68
C SER G 68 9.61 -35.11 34.55
N GLY G 69 10.66 -35.62 33.92
CA GLY G 69 10.52 -36.59 32.85
C GLY G 69 11.07 -36.07 31.54
N SER G 70 11.23 -36.98 30.58
CA SER G 70 11.65 -36.62 29.24
C SER G 70 11.34 -37.78 28.29
N GLY G 71 11.43 -37.52 26.99
CA GLY G 71 11.10 -38.51 25.98
C GLY G 71 9.61 -38.81 25.95
N THR G 72 9.21 -39.88 26.63
CA THR G 72 7.81 -40.30 26.61
C THR G 72 7.18 -40.51 27.99
N ASP G 73 7.92 -40.27 29.06
CA ASP G 73 7.36 -40.50 30.40
C ASP G 73 7.53 -39.27 31.29
N PHE G 74 6.42 -38.67 31.68
CA PHE G 74 6.45 -37.46 32.48
C PHE G 74 5.66 -37.64 33.78
N THR G 75 6.03 -36.89 34.80
CA THR G 75 5.42 -37.00 36.12
C THR G 75 5.16 -35.63 36.73
N LEU G 76 3.94 -35.41 37.21
CA LEU G 76 3.64 -34.24 38.01
C LEU G 76 3.45 -34.67 39.45
N THR G 77 4.22 -34.06 40.34
CA THR G 77 4.23 -34.44 41.74
C THR G 77 3.73 -33.30 42.60
N ILE G 78 2.73 -33.59 43.42
CA ILE G 78 2.23 -32.62 44.38
C ILE G 78 2.70 -33.08 45.76
N SER G 79 3.70 -32.38 46.30
CA SER G 79 4.42 -32.86 47.48
C SER G 79 3.51 -33.06 48.69
N ARG G 80 2.60 -32.12 48.93
CA ARG G 80 1.60 -32.30 49.97
C ARG G 80 0.32 -31.57 49.59
N LEU G 81 -0.74 -32.35 49.40
CA LEU G 81 -1.98 -31.85 48.81
C LEU G 81 -2.66 -30.87 49.74
N GLU G 82 -3.23 -29.82 49.16
CA GLU G 82 -4.05 -28.85 49.89
C GLU G 82 -5.48 -28.95 49.37
N PRO G 83 -6.46 -28.49 50.16
CA PRO G 83 -7.85 -28.56 49.72
C PRO G 83 -8.08 -28.05 48.29
N GLU G 84 -7.39 -26.97 47.93
CA GLU G 84 -7.49 -26.38 46.58
C GLU G 84 -7.04 -27.36 45.49
N ASP G 85 -6.12 -28.25 45.83
CA ASP G 85 -5.50 -29.15 44.86
C ASP G 85 -6.40 -30.28 44.38
N PHE G 86 -7.58 -30.41 44.98
CA PHE G 86 -8.50 -31.48 44.59
C PHE G 86 -9.26 -31.08 43.35
N ALA G 87 -8.77 -31.55 42.21
CA ALA G 87 -9.21 -31.08 40.92
C ALA G 87 -8.81 -32.08 39.85
N VAL G 88 -8.99 -31.71 38.59
CA VAL G 88 -8.54 -32.54 37.48
C VAL G 88 -7.26 -31.94 36.91
N TYR G 89 -6.33 -32.80 36.51
CA TYR G 89 -5.03 -32.35 36.01
C TYR G 89 -4.75 -32.85 34.60
N TYR G 90 -4.30 -31.95 33.72
CA TYR G 90 -4.13 -32.30 32.32
C TYR G 90 -2.69 -32.14 31.87
N CYS G 91 -2.16 -33.12 31.17
CA CYS G 91 -0.85 -32.97 30.54
C CYS G 91 -1.08 -32.59 29.08
N GLN G 92 -0.14 -31.84 28.51
CA GLN G 92 -0.27 -31.37 27.14
C GLN G 92 1.10 -31.33 26.45
N GLN G 93 1.18 -31.86 25.24
CA GLN G 93 2.41 -31.72 24.46
C GLN G 93 2.21 -30.69 23.35
N TYR G 94 3.23 -29.84 23.21
CA TYR G 94 3.26 -28.80 22.20
C TYR G 94 4.63 -28.76 21.53
N GLY G 95 5.18 -29.94 21.26
CA GLY G 95 6.49 -30.04 20.62
C GLY G 95 6.40 -30.32 19.13
N GLN G 96 5.20 -30.13 18.59
CA GLN G 96 4.97 -30.22 17.15
C GLN G 96 3.76 -29.35 16.87
N SER G 97 3.48 -29.08 15.60
CA SER G 97 2.40 -28.17 15.26
C SER G 97 1.07 -28.68 15.78
N LEU G 98 0.88 -30.00 15.73
CA LEU G 98 -0.34 -30.61 16.27
C LEU G 98 -0.23 -30.89 17.77
N SER G 99 -0.73 -29.96 18.59
CA SER G 99 -0.76 -30.18 20.03
C SER G 99 -1.86 -31.14 20.42
N THR G 100 -1.65 -31.85 21.52
CA THR G 100 -2.65 -32.76 22.08
C THR G 100 -2.61 -32.80 23.59
N PHE G 101 -3.78 -33.00 24.17
CA PHE G 101 -3.97 -33.13 25.62
C PHE G 101 -4.20 -34.58 25.99
N GLY G 102 -3.84 -34.94 27.22
CA GLY G 102 -4.23 -36.22 27.80
C GLY G 102 -5.68 -36.11 28.28
N GLN G 103 -6.25 -37.25 28.71
CA GLN G 103 -7.67 -37.29 29.09
C GLN G 103 -7.92 -36.68 30.47
N GLY G 104 -6.87 -36.51 31.26
CA GLY G 104 -6.98 -35.91 32.59
C GLY G 104 -6.96 -36.91 33.73
N THR G 105 -6.32 -36.53 34.83
CA THR G 105 -6.35 -37.31 36.07
C THR G 105 -7.14 -36.56 37.15
N LYS G 106 -8.10 -37.24 37.77
CA LYS G 106 -8.90 -36.61 38.83
C LYS G 106 -8.37 -36.96 40.21
N VAL G 107 -8.10 -35.95 41.02
CA VAL G 107 -7.69 -36.17 42.41
C VAL G 107 -8.86 -35.85 43.34
N GLU G 108 -9.48 -36.90 43.87
CA GLU G 108 -10.61 -36.76 44.80
C GLU G 108 -10.16 -36.83 46.25
N VAL G 109 -11.09 -36.51 47.14
CA VAL G 109 -10.83 -36.59 48.58
C VAL G 109 -11.02 -38.02 49.07
N LYS G 110 -9.95 -38.61 49.62
CA LYS G 110 -10.01 -39.92 50.24
C LYS G 110 -11.08 -39.92 51.30
N LEU G 111 -12.12 -40.72 51.06
CA LEU G 111 -13.32 -40.70 51.88
C LEU G 111 -13.92 -42.10 51.99
N GLU H 3 0.89 29.47 4.02
CA GLU H 3 1.66 28.44 4.76
C GLU H 3 1.10 28.28 6.16
N ILE H 4 0.13 27.40 6.29
CA ILE H 4 -0.54 27.19 7.58
C ILE H 4 0.45 26.62 8.59
N VAL H 5 0.49 27.24 9.77
CA VAL H 5 1.37 26.79 10.83
C VAL H 5 0.59 25.89 11.76
N LEU H 6 1.04 24.64 11.89
CA LEU H 6 0.48 23.72 12.88
C LEU H 6 1.37 23.71 14.11
N THR H 7 0.84 24.18 15.24
CA THR H 7 1.61 24.19 16.46
C THR H 7 1.21 22.99 17.28
N GLN H 8 2.18 22.12 17.56
CA GLN H 8 1.91 20.89 18.30
C GLN H 8 2.34 21.04 19.74
N SER H 9 1.61 20.36 20.62
CA SER H 9 1.91 20.36 22.03
C SER H 9 1.33 19.10 22.70
N PRO H 10 2.00 18.63 23.77
CA PRO H 10 3.22 19.21 24.28
C PRO H 10 4.34 19.00 23.28
N GLY H 11 5.46 19.68 23.47
CA GLY H 11 6.61 19.46 22.60
C GLY H 11 7.22 18.10 22.87
N THR H 12 7.43 17.82 24.15
CA THR H 12 7.94 16.54 24.62
C THR H 12 7.25 16.18 25.90
N GLN H 13 7.03 14.88 26.14
CA GLN H 13 6.48 14.44 27.41
C GLN H 13 6.65 12.94 27.67
N SER H 14 6.73 12.59 28.95
CA SER H 14 7.04 11.24 29.37
C SER H 14 5.83 10.56 30.00
N LEU H 15 5.57 9.34 29.57
CA LEU H 15 4.48 8.56 30.09
C LEU H 15 4.95 7.14 30.36
N SER H 16 4.10 6.35 31.02
CA SER H 16 4.33 4.92 31.22
C SER H 16 3.35 4.09 30.39
N PRO H 17 3.76 2.87 30.02
CA PRO H 17 2.84 1.95 29.36
C PRO H 17 1.52 1.84 30.14
N GLY H 18 0.41 1.82 29.42
CA GLY H 18 -0.92 1.77 30.05
C GLY H 18 -1.57 3.15 30.20
N GLU H 19 -0.77 4.21 30.21
CA GLU H 19 -1.30 5.56 30.42
C GLU H 19 -1.83 6.17 29.11
N ARG H 20 -2.71 7.16 29.25
CA ARG H 20 -3.33 7.80 28.09
C ARG H 20 -2.59 9.10 27.73
N ALA H 21 -2.08 9.16 26.51
CA ALA H 21 -1.47 10.36 25.98
C ALA H 21 -2.51 11.09 25.16
N THR H 22 -2.58 12.41 25.32
CA THR H 22 -3.43 13.21 24.47
C THR H 22 -2.59 14.34 23.85
N LEU H 23 -2.45 14.29 22.53
CA LEU H 23 -1.57 15.20 21.80
C LEU H 23 -2.37 16.28 21.10
N SER H 24 -1.87 17.52 21.15
CA SER H 24 -2.59 18.65 20.56
C SER H 24 -1.90 19.15 19.29
N CYS H 25 -2.72 19.45 18.29
CA CYS H 25 -2.25 20.06 17.06
C CYS H 25 -3.22 21.18 16.74
N ARG H 26 -2.74 22.41 16.78
CA ARG H 26 -3.59 23.55 16.45
C ARG H 26 -3.07 24.32 15.23
N ALA H 27 -3.99 24.72 14.38
CA ALA H 27 -3.66 25.34 13.10
C ALA H 27 -3.83 26.85 13.17
N SER H 28 -2.95 27.59 12.49
CA SER H 28 -3.07 29.05 12.42
C SER H 28 -4.34 29.50 11.69
N GLN H 29 -5.02 28.59 10.99
CA GLN H 29 -6.32 28.86 10.36
C GLN H 29 -7.07 27.58 10.02
N SER H 30 -8.34 27.72 9.69
CA SER H 30 -9.19 26.56 9.40
C SER H 30 -8.59 25.64 8.36
N VAL H 31 -8.55 24.36 8.70
CA VAL H 31 -8.05 23.33 7.80
C VAL H 31 -9.20 22.87 6.91
N GLY H 32 -9.03 23.03 5.62
CA GLY H 32 -10.09 22.73 4.66
C GLY H 32 -10.64 21.34 4.82
N ASN H 33 -11.96 21.23 4.90
CA ASN H 33 -12.64 19.94 5.03
CA ASN H 33 -12.63 19.93 5.02
C ASN H 33 -11.97 19.00 6.04
N ASN H 34 -11.47 19.59 7.12
CA ASN H 34 -10.85 18.83 8.20
C ASN H 34 -9.86 17.79 7.70
N LYS H 35 -9.11 18.14 6.66
CA LYS H 35 -8.11 17.23 6.13
C LYS H 35 -6.80 17.34 6.89
N LEU H 36 -6.82 16.77 8.09
CA LEU H 36 -5.67 16.74 8.97
C LEU H 36 -5.31 15.29 9.25
N ALA H 37 -4.03 14.96 9.13
CA ALA H 37 -3.57 13.59 9.36
C ALA H 37 -2.59 13.52 10.54
N TRP H 38 -2.49 12.34 11.16
CA TRP H 38 -1.49 12.13 12.22
C TRP H 38 -0.56 10.98 11.83
N TYR H 39 0.74 11.18 12.00
CA TYR H 39 1.71 10.13 11.73
C TYR H 39 2.53 9.79 12.98
N GLN H 40 2.87 8.51 13.12
CA GLN H 40 3.76 8.06 14.17
C GLN H 40 5.07 7.66 13.52
N GLN H 41 6.18 8.15 14.08
CA GLN H 41 7.50 7.78 13.58
C GLN H 41 8.39 7.28 14.71
N ARG H 42 8.86 6.05 14.58
CA ARG H 42 9.77 5.46 15.54
C ARG H 42 11.21 5.78 15.15
N PRO H 43 12.12 5.79 16.13
CA PRO H 43 13.51 6.09 15.81
C PRO H 43 14.04 5.18 14.70
N GLY H 44 14.67 5.77 13.70
CA GLY H 44 15.28 4.99 12.63
C GLY H 44 14.32 4.61 11.51
N GLN H 45 13.02 4.71 11.78
CA GLN H 45 12.02 4.25 10.81
C GLN H 45 11.33 5.38 10.07
N ALA H 46 10.58 5.00 9.04
CA ALA H 46 9.79 5.94 8.26
C ALA H 46 8.48 6.19 8.99
N PRO H 47 7.87 7.37 8.77
CA PRO H 47 6.59 7.67 9.41
C PRO H 47 5.49 6.70 9.00
N ARG H 48 4.58 6.43 9.93
CA ARG H 48 3.46 5.51 9.72
C ARG H 48 2.16 6.28 9.93
N LEU H 49 1.23 6.13 8.99
CA LEU H 49 -0.04 6.85 9.05
C LEU H 49 -0.95 6.23 10.11
N LEU H 50 -1.57 7.08 10.93
CA LEU H 50 -2.44 6.63 12.01
C LEU H 50 -3.87 7.06 11.77
N ILE H 51 -4.05 8.34 11.44
CA ILE H 51 -5.37 8.93 11.24
C ILE H 51 -5.35 9.87 10.05
N TYR H 52 -6.40 9.81 9.24
CA TYR H 52 -6.61 10.78 8.20
C TYR H 52 -8.01 11.33 8.32
N GLY H 53 -8.27 12.44 7.64
CA GLY H 53 -9.57 13.08 7.71
C GLY H 53 -9.95 13.50 9.12
N ALA H 54 -8.96 13.76 9.96
CA ALA H 54 -9.20 14.24 11.31
C ALA H 54 -9.48 13.12 12.31
N SER H 55 -10.33 12.16 11.93
CA SER H 55 -10.79 11.13 12.86
C SER H 55 -10.85 9.72 12.27
N SER H 56 -10.68 9.59 10.96
CA SER H 56 -10.73 8.27 10.32
C SER H 56 -9.44 7.50 10.54
N ARG H 57 -9.58 6.19 10.73
CA ARG H 57 -8.45 5.33 11.00
C ARG H 57 -8.32 4.32 9.87
N PRO H 58 -7.12 4.17 9.31
CA PRO H 58 -6.96 3.13 8.29
C PRO H 58 -6.93 1.74 8.93
N SER H 59 -7.31 0.72 8.16
CA SER H 59 -7.25 -0.65 8.65
C SER H 59 -5.83 -1.02 9.02
N GLY H 60 -5.68 -1.81 10.08
CA GLY H 60 -4.37 -2.14 10.60
C GLY H 60 -4.09 -1.35 11.88
N VAL H 61 -4.37 -0.05 11.83
CA VAL H 61 -4.08 0.83 12.94
C VAL H 61 -4.92 0.49 14.16
N ALA H 62 -4.25 0.31 15.29
CA ALA H 62 -4.93 -0.05 16.53
C ALA H 62 -5.95 1.00 16.90
N ASP H 63 -7.08 0.57 17.45
CA ASP H 63 -8.16 1.49 17.81
C ASP H 63 -7.89 2.25 19.12
N ARG H 64 -6.76 1.97 19.75
CA ARG H 64 -6.33 2.79 20.87
C ARG H 64 -5.78 4.13 20.35
N PHE H 65 -5.73 4.27 19.03
CA PHE H 65 -5.46 5.57 18.40
C PHE H 65 -6.79 6.21 17.98
N SER H 66 -7.04 7.41 18.48
CA SER H 66 -8.28 8.11 18.19
C SER H 66 -8.02 9.56 17.83
N GLY H 67 -8.74 10.06 16.85
CA GLY H 67 -8.58 11.42 16.39
C GLY H 67 -9.88 12.19 16.45
N SER H 68 -9.79 13.46 16.83
CA SER H 68 -10.98 14.29 16.96
C SER H 68 -10.66 15.75 16.64
N GLY H 69 -11.71 16.57 16.53
CA GLY H 69 -11.54 18.01 16.33
C GLY H 69 -11.87 18.45 14.90
N SER H 70 -11.87 19.76 14.69
CA SER H 70 -12.14 20.36 13.39
C SER H 70 -11.81 21.84 13.44
N GLY H 71 -11.78 22.51 12.30
CA GLY H 71 -11.38 23.91 12.26
C GLY H 71 -9.91 24.08 12.55
N THR H 72 -9.57 24.49 13.78
CA THR H 72 -8.17 24.74 14.13
C THR H 72 -7.67 23.99 15.36
N ASP H 73 -8.51 23.17 15.99
CA ASP H 73 -8.04 22.43 17.16
C ASP H 73 -8.32 20.95 17.00
N PHE H 74 -7.24 20.19 16.83
CA PHE H 74 -7.34 18.74 16.64
C PHE H 74 -6.59 18.01 17.75
N THR H 75 -7.03 16.78 18.03
CA THR H 75 -6.42 15.99 19.09
C THR H 75 -6.12 14.56 18.63
N LEU H 76 -4.99 14.03 19.09
CA LEU H 76 -4.70 12.61 18.93
C LEU H 76 -4.64 11.99 20.32
N THR H 77 -5.54 11.06 20.58
CA THR H 77 -5.64 10.41 21.88
C THR H 77 -5.10 8.99 21.77
N ILE H 78 -3.99 8.72 22.45
CA ILE H 78 -3.45 7.35 22.56
C ILE H 78 -3.83 6.82 23.93
N SER H 79 -4.77 5.89 23.98
CA SER H 79 -5.46 5.57 25.23
C SER H 79 -4.77 4.49 26.10
N ARG H 80 -3.98 3.60 25.52
CA ARG H 80 -3.23 2.63 26.34
C ARG H 80 -1.86 2.35 25.76
N LEU H 81 -0.87 3.14 26.15
CA LEU H 81 0.46 3.05 25.56
C LEU H 81 1.07 1.66 25.68
N GLU H 82 1.53 1.15 24.54
CA GLU H 82 2.44 0.01 24.49
C GLU H 82 3.85 0.59 24.23
N PRO H 83 4.90 -0.22 24.50
CA PRO H 83 6.29 0.18 24.25
C PRO H 83 6.59 0.72 22.85
N GLU H 84 5.95 0.16 21.83
CA GLU H 84 6.18 0.62 20.45
C GLU H 84 5.61 2.03 20.20
N ASP H 85 4.68 2.47 21.05
CA ASP H 85 4.06 3.79 20.88
C ASP H 85 4.98 4.95 21.25
N PHE H 86 6.13 4.65 21.85
CA PHE H 86 7.10 5.69 22.19
C PHE H 86 7.83 6.14 20.94
N ALA H 87 7.36 7.26 20.40
CA ALA H 87 7.79 7.72 19.10
C ALA H 87 7.57 9.21 19.01
N VAL H 88 7.81 9.76 17.83
CA VAL H 88 7.52 11.16 17.56
C VAL H 88 6.26 11.21 16.73
N TYR H 89 5.33 12.08 17.11
CA TYR H 89 4.04 12.15 16.42
C TYR H 89 3.90 13.47 15.68
N TYR H 90 3.49 13.38 14.42
CA TYR H 90 3.35 14.56 13.58
C TYR H 90 1.92 14.72 13.12
N CYS H 91 1.47 15.97 13.00
CA CYS H 91 0.22 16.24 12.32
C CYS H 91 0.53 16.94 11.00
N GLN H 92 -0.42 16.85 10.07
CA GLN H 92 -0.25 17.39 8.73
C GLN H 92 -1.60 17.84 8.21
N GLN H 93 -1.64 19.02 7.60
CA GLN H 93 -2.85 19.47 6.91
C GLN H 93 -2.62 19.40 5.41
N TYR H 94 -3.65 18.93 4.72
CA TYR H 94 -3.65 18.83 3.27
C TYR H 94 -5.01 19.29 2.72
N GLY H 95 -5.49 20.40 3.28
CA GLY H 95 -6.79 20.96 2.91
C GLY H 95 -6.65 22.13 1.94
N GLN H 96 -5.55 22.12 1.21
CA GLN H 96 -5.23 23.18 0.26
C GLN H 96 -3.97 22.71 -0.43
N SER H 97 -3.61 23.33 -1.55
CA SER H 97 -2.53 22.80 -2.37
C SER H 97 -1.21 22.73 -1.61
N LEU H 98 -0.90 23.74 -0.80
CA LEU H 98 0.32 23.71 0.00
C LEU H 98 0.11 22.99 1.32
N SER H 99 0.64 21.78 1.43
CA SER H 99 0.55 21.01 2.66
C SER H 99 1.69 21.36 3.59
N THR H 100 1.42 21.26 4.90
CA THR H 100 2.44 21.52 5.91
C THR H 100 2.33 20.55 7.09
N PHE H 101 3.41 20.44 7.84
CA PHE H 101 3.46 19.54 8.98
C PHE H 101 3.65 20.36 10.23
N GLY H 102 3.16 19.84 11.35
CA GLY H 102 3.55 20.34 12.65
C GLY H 102 4.98 19.93 12.97
N GLN H 103 5.53 20.49 14.04
CA GLN H 103 6.95 20.26 14.37
C GLN H 103 7.19 18.98 15.16
N GLY H 104 6.14 18.29 15.58
CA GLY H 104 6.27 16.98 16.21
C GLY H 104 6.15 17.00 17.74
N THR H 105 5.46 16.01 18.29
CA THR H 105 5.41 15.78 19.74
C THR H 105 6.06 14.44 20.09
N LYS H 106 7.12 14.50 20.89
CA LYS H 106 7.84 13.29 21.30
C LYS H 106 7.22 12.69 22.57
N VAL H 107 6.99 11.38 22.53
CA VAL H 107 6.48 10.65 23.70
C VAL H 107 7.60 9.75 24.23
N GLU H 108 8.08 10.04 25.44
CA GLU H 108 9.20 9.32 26.04
C GLU H 108 8.72 8.40 27.15
N VAL H 109 9.60 7.47 27.56
CA VAL H 109 9.32 6.63 28.72
C VAL H 109 9.53 7.42 30.01
N LYS H 110 8.59 7.30 30.93
CA LYS H 110 8.63 8.02 32.22
C LYS H 110 9.60 7.39 33.21
N ALA I 2 2.05 -22.69 0.78
CA ALA I 2 0.97 -21.77 0.29
C ALA I 2 0.34 -22.34 -0.98
N GLU I 3 -0.79 -21.79 -1.38
CA GLU I 3 -1.45 -22.26 -2.58
C GLU I 3 -0.88 -21.50 -3.76
N ILE I 4 0.20 -22.03 -4.32
CA ILE I 4 0.86 -21.42 -5.46
C ILE I 4 -0.14 -21.26 -6.61
N VAL I 5 -0.33 -20.03 -7.06
CA VAL I 5 -1.24 -19.75 -8.15
C VAL I 5 -0.47 -19.82 -9.44
N LEU I 6 -1.00 -20.59 -10.39
CA LEU I 6 -0.39 -20.71 -11.70
C LEU I 6 -1.26 -19.98 -12.71
N THR I 7 -0.72 -18.93 -13.31
CA THR I 7 -1.52 -18.17 -14.26
C THR I 7 -1.14 -18.53 -15.69
N GLN I 8 -2.11 -19.04 -16.44
CA GLN I 8 -1.87 -19.43 -17.83
C GLN I 8 -2.32 -18.33 -18.77
N SER I 9 -1.50 -18.09 -19.79
CA SER I 9 -1.85 -17.19 -20.88
C SER I 9 -1.30 -17.74 -22.18
N PRO I 10 -2.00 -17.45 -23.31
CA PRO I 10 -3.23 -16.66 -23.26
C PRO I 10 -4.38 -17.45 -22.63
N GLY I 11 -5.52 -16.82 -22.40
CA GLY I 11 -6.69 -17.53 -21.91
C GLY I 11 -7.20 -18.43 -23.02
N THR I 12 -7.53 -17.83 -24.16
CA THR I 12 -7.95 -18.56 -25.35
C THR I 12 -7.18 -17.98 -26.51
N GLN I 13 -6.72 -18.82 -27.43
CA GLN I 13 -6.14 -18.32 -28.67
C GLN I 13 -6.56 -19.22 -29.83
N SER I 14 -6.69 -18.62 -31.01
CA SER I 14 -7.07 -19.34 -32.22
C SER I 14 -5.89 -19.46 -33.18
N LEU I 15 -5.63 -20.66 -33.67
CA LEU I 15 -4.55 -20.89 -34.63
C LEU I 15 -5.02 -21.82 -35.74
N SER I 16 -4.25 -21.86 -36.82
CA SER I 16 -4.49 -22.79 -37.92
C SER I 16 -3.68 -24.06 -37.72
N PRO I 17 -4.16 -25.18 -38.30
CA PRO I 17 -3.34 -26.37 -38.45
C PRO I 17 -1.98 -26.05 -39.06
N GLY I 18 -0.91 -26.57 -38.48
CA GLY I 18 0.44 -26.33 -39.00
C GLY I 18 1.18 -25.24 -38.24
N GLU I 19 0.44 -24.27 -37.70
CA GLU I 19 1.08 -23.14 -37.02
C GLU I 19 1.69 -23.56 -35.68
N ARG I 20 2.49 -22.67 -35.11
CA ARG I 20 3.17 -22.91 -33.86
C ARG I 20 2.41 -22.31 -32.67
N ALA I 21 2.26 -23.08 -31.60
CA ALA I 21 1.56 -22.60 -30.40
C ALA I 21 2.55 -22.42 -29.25
N THR I 22 2.46 -21.27 -28.59
CA THR I 22 3.35 -20.94 -27.47
C THR I 22 2.51 -20.60 -26.25
N LEU I 23 2.48 -21.52 -25.29
CA LEU I 23 1.63 -21.37 -24.10
C LEU I 23 2.48 -21.00 -22.88
N SER I 24 1.98 -20.06 -22.08
CA SER I 24 2.72 -19.59 -20.90
C SER I 24 2.02 -19.99 -19.62
N CYS I 25 2.79 -20.33 -18.60
CA CYS I 25 2.27 -20.63 -17.27
C CYS I 25 3.22 -19.97 -16.26
N ARG I 26 2.72 -19.03 -15.47
CA ARG I 26 3.61 -18.31 -14.56
C ARG I 26 3.22 -18.48 -13.08
N ALA I 27 4.21 -18.78 -12.24
CA ALA I 27 3.96 -19.17 -10.85
C ALA I 27 4.17 -18.00 -9.90
N SER I 28 3.28 -17.90 -8.91
CA SER I 28 3.34 -16.84 -7.91
C SER I 28 4.56 -17.00 -7.00
N GLN I 29 5.10 -18.22 -6.91
CA GLN I 29 6.31 -18.49 -6.15
C GLN I 29 7.19 -19.41 -6.95
N SER I 30 8.49 -19.39 -6.70
CA SER I 30 9.38 -20.33 -7.35
C SER I 30 8.83 -21.75 -7.19
N VAL I 31 8.94 -22.57 -8.23
CA VAL I 31 8.37 -23.92 -8.22
C VAL I 31 9.44 -24.96 -7.87
N GLY I 32 9.20 -25.71 -6.82
CA GLY I 32 10.17 -26.68 -6.30
C GLY I 32 10.74 -27.64 -7.32
N ASN I 33 12.06 -27.64 -7.44
CA ASN I 33 12.81 -28.56 -8.34
C ASN I 33 12.20 -28.73 -9.72
N ASN I 34 11.81 -27.61 -10.34
CA ASN I 34 11.22 -27.63 -11.68
C ASN I 34 10.12 -28.66 -11.89
N LYS I 35 9.35 -28.95 -10.84
CA LYS I 35 8.27 -29.93 -10.94
C LYS I 35 7.02 -29.27 -11.50
N LEU I 36 7.05 -28.98 -12.80
CA LEU I 36 5.88 -28.45 -13.49
C LEU I 36 5.47 -29.39 -14.63
N ALA I 37 4.19 -29.71 -14.71
CA ALA I 37 3.68 -30.63 -15.72
C ALA I 37 2.72 -29.92 -16.66
N TRP I 38 2.64 -30.39 -17.90
CA TRP I 38 1.64 -29.89 -18.85
C TRP I 38 0.72 -31.02 -19.30
N TYR I 39 -0.57 -30.72 -19.40
CA TYR I 39 -1.54 -31.71 -19.82
C TYR I 39 -2.34 -31.19 -20.99
N GLN I 40 -2.82 -32.10 -21.83
CA GLN I 40 -3.78 -31.75 -22.89
C GLN I 40 -5.09 -32.44 -22.60
N GLN I 41 -6.18 -31.68 -22.64
CA GLN I 41 -7.50 -32.26 -22.48
C GLN I 41 -8.34 -31.95 -23.70
N ARG I 42 -8.67 -33.00 -24.45
CA ARG I 42 -9.57 -32.88 -25.58
C ARG I 42 -11.02 -32.97 -25.06
N PRO I 43 -11.97 -32.46 -25.85
CA PRO I 43 -13.38 -32.47 -25.43
C PRO I 43 -13.89 -33.85 -25.00
N GLY I 44 -14.31 -33.97 -23.76
CA GLY I 44 -14.95 -35.19 -23.28
C GLY I 44 -14.00 -36.28 -22.83
N GLN I 45 -12.70 -36.10 -23.08
CA GLN I 45 -11.72 -37.07 -22.64
C GLN I 45 -11.10 -36.67 -21.30
N ALA I 46 -10.30 -37.55 -20.74
CA ALA I 46 -9.52 -37.24 -19.57
C ALA I 46 -8.26 -36.50 -20.04
N PRO I 47 -7.65 -35.70 -19.15
CA PRO I 47 -6.38 -35.06 -19.51
C PRO I 47 -5.31 -36.08 -19.93
N ARG I 48 -4.31 -35.59 -20.65
CA ARG I 48 -3.24 -36.42 -21.17
C ARG I 48 -1.90 -35.72 -20.90
N LEU I 49 -0.94 -36.47 -20.36
CA LEU I 49 0.34 -35.90 -19.94
C LEU I 49 1.27 -35.70 -21.11
N LEU I 50 1.78 -34.47 -21.27
CA LEU I 50 2.66 -34.11 -22.37
C LEU I 50 4.09 -33.89 -21.89
N ILE I 51 4.22 -33.15 -20.80
CA ILE I 51 5.53 -32.83 -20.25
C ILE I 51 5.50 -32.93 -18.73
N TYR I 52 6.63 -33.32 -18.15
CA TYR I 52 6.82 -33.32 -16.72
C TYR I 52 8.25 -32.86 -16.46
N GLY I 53 8.56 -32.54 -15.20
CA GLY I 53 9.86 -31.97 -14.85
C GLY I 53 10.16 -30.69 -15.59
N ALA I 54 9.11 -29.97 -15.99
CA ALA I 54 9.26 -28.73 -16.75
C ALA I 54 9.60 -28.96 -18.24
N SER I 55 10.47 -29.93 -18.53
CA SER I 55 10.97 -30.11 -19.90
C SER I 55 11.05 -31.57 -20.40
N SER I 56 10.78 -32.55 -19.55
CA SER I 56 10.93 -33.96 -19.94
C SER I 56 9.68 -34.54 -20.60
N ARG I 57 9.88 -35.32 -21.64
CA ARG I 57 8.77 -35.91 -22.37
C ARG I 57 8.60 -37.38 -22.00
N PRO I 58 7.36 -37.78 -21.66
CA PRO I 58 7.10 -39.16 -21.29
C PRO I 58 6.91 -40.07 -22.48
N SER I 59 6.72 -41.36 -22.21
CA SER I 59 6.58 -42.38 -23.25
C SER I 59 5.38 -42.11 -24.16
N GLY I 60 5.65 -41.95 -25.45
CA GLY I 60 4.59 -41.95 -26.47
C GLY I 60 4.13 -40.59 -26.95
N VAL I 61 4.65 -39.54 -26.34
CA VAL I 61 4.24 -38.18 -26.71
C VAL I 61 5.03 -37.70 -27.90
N ALA I 62 4.31 -37.24 -28.92
CA ALA I 62 4.92 -36.77 -30.16
C ALA I 62 5.97 -35.68 -29.90
N ASP I 63 6.93 -35.58 -30.81
CA ASP I 63 8.08 -34.70 -30.62
C ASP I 63 7.73 -33.22 -30.78
N ARG I 64 6.55 -32.95 -31.34
CA ARG I 64 6.11 -31.57 -31.56
C ARG I 64 5.81 -30.85 -30.25
N PHE I 65 5.67 -31.59 -29.15
CA PHE I 65 5.45 -31.01 -27.83
C PHE I 65 6.78 -30.84 -27.09
N SER I 66 7.06 -29.62 -26.65
CA SER I 66 8.29 -29.35 -25.90
C SER I 66 8.06 -28.35 -24.78
N GLY I 67 8.69 -28.60 -23.63
CA GLY I 67 8.54 -27.74 -22.47
C GLY I 67 9.85 -27.09 -22.06
N SER I 68 9.77 -25.89 -21.49
CA SER I 68 10.96 -25.17 -21.07
C SER I 68 10.62 -24.24 -19.91
N GLY I 69 11.66 -23.64 -19.34
CA GLY I 69 11.49 -22.70 -18.25
C GLY I 69 11.90 -23.29 -16.92
N SER I 70 11.94 -22.44 -15.91
CA SER I 70 12.27 -22.83 -14.55
C SER I 70 11.92 -21.69 -13.62
N GLY I 71 11.84 -21.98 -12.33
CA GLY I 71 11.54 -20.96 -11.33
C GLY I 71 10.08 -20.60 -11.31
N THR I 72 9.71 -19.55 -12.04
CA THR I 72 8.34 -19.08 -12.06
C THR I 72 7.78 -18.91 -13.47
N ASP I 73 8.61 -19.08 -14.48
CA ASP I 73 8.20 -18.81 -15.86
C ASP I 73 8.39 -20.05 -16.72
N PHE I 74 7.28 -20.60 -17.19
CA PHE I 74 7.30 -21.83 -18.00
C PHE I 74 6.55 -21.62 -19.31
N THR I 75 6.84 -22.50 -20.26
CA THR I 75 6.33 -22.38 -21.62
C THR I 75 6.16 -23.77 -22.25
N LEU I 76 4.98 -24.02 -22.80
CA LEU I 76 4.77 -25.21 -23.63
C LEU I 76 4.75 -24.75 -25.08
N THR I 77 5.40 -25.52 -25.94
CA THR I 77 5.49 -25.18 -27.36
C THR I 77 4.98 -26.33 -28.21
N ILE I 78 3.95 -26.06 -29.00
CA ILE I 78 3.50 -27.01 -30.01
C ILE I 78 4.03 -26.55 -31.35
N SER I 79 5.08 -27.22 -31.82
CA SER I 79 5.81 -26.80 -33.02
C SER I 79 4.92 -26.75 -34.27
N ARG I 80 3.96 -27.65 -34.37
CA ARG I 80 3.05 -27.66 -35.52
C ARG I 80 1.72 -28.32 -35.17
N LEU I 81 0.66 -27.54 -35.10
CA LEU I 81 -0.64 -28.02 -34.62
C LEU I 81 -1.28 -29.02 -35.58
N GLU I 82 -1.60 -30.20 -35.05
CA GLU I 82 -2.49 -31.14 -35.71
C GLU I 82 -3.93 -30.87 -35.29
N PRO I 83 -4.90 -31.44 -36.00
CA PRO I 83 -6.33 -31.34 -35.66
C PRO I 83 -6.68 -31.70 -34.20
N GLU I 84 -5.97 -32.66 -33.62
CA GLU I 84 -6.29 -33.13 -32.25
C GLU I 84 -5.66 -32.24 -31.18
N ASP I 85 -4.68 -31.42 -31.58
CA ASP I 85 -4.03 -30.50 -30.65
C ASP I 85 -4.97 -29.38 -30.23
N PHE I 86 -6.10 -29.25 -30.91
CA PHE I 86 -7.09 -28.25 -30.56
C PHE I 86 -7.87 -28.69 -29.34
N ALA I 87 -7.51 -28.10 -28.20
CA ALA I 87 -7.95 -28.60 -26.90
C ALA I 87 -7.63 -27.60 -25.80
N VAL I 88 -7.91 -27.97 -24.56
CA VAL I 88 -7.53 -27.15 -23.43
C VAL I 88 -6.26 -27.73 -22.83
N TYR I 89 -5.32 -26.86 -22.47
CA TYR I 89 -4.03 -27.26 -21.92
C TYR I 89 -3.88 -26.78 -20.47
N TYR I 90 -3.36 -27.64 -19.60
CA TYR I 90 -3.18 -27.29 -18.20
C TYR I 90 -1.75 -27.47 -17.75
N CYS I 91 -1.28 -26.51 -16.94
CA CYS I 91 -0.04 -26.68 -16.21
C CYS I 91 -0.37 -27.05 -14.77
N GLN I 92 0.56 -27.75 -14.11
CA GLN I 92 0.40 -28.18 -12.74
C GLN I 92 1.78 -28.14 -12.09
N GLN I 93 1.85 -27.71 -10.83
CA GLN I 93 3.08 -27.79 -10.06
C GLN I 93 2.89 -28.79 -8.95
N TYR I 94 3.88 -29.68 -8.82
CA TYR I 94 3.89 -30.69 -7.79
C TYR I 94 5.25 -30.69 -7.08
N GLY I 95 5.74 -29.48 -6.81
CA GLY I 95 7.06 -29.31 -6.17
C GLY I 95 6.95 -29.04 -4.68
N GLN I 96 5.74 -29.22 -4.15
CA GLN I 96 5.48 -29.18 -2.73
C GLN I 96 4.27 -30.07 -2.53
N SER I 97 3.88 -30.28 -1.29
CA SER I 97 2.86 -31.29 -1.02
C SER I 97 1.49 -30.85 -1.49
N LEU I 98 1.21 -29.55 -1.49
CA LEU I 98 -0.04 -29.02 -2.05
C LEU I 98 0.17 -28.68 -3.51
N SER I 99 -0.34 -29.52 -4.39
CA SER I 99 -0.21 -29.30 -5.83
C SER I 99 -1.35 -28.43 -6.28
N THR I 100 -1.14 -27.69 -7.37
CA THR I 100 -2.20 -26.86 -7.96
C THR I 100 -2.06 -26.78 -9.48
N PHE I 101 -3.19 -26.48 -10.13
CA PHE I 101 -3.25 -26.32 -11.57
C PHE I 101 -3.45 -24.88 -11.98
N GLY I 102 -3.04 -24.55 -13.19
CA GLY I 102 -3.44 -23.30 -13.82
C GLY I 102 -4.90 -23.40 -14.25
N GLN I 103 -5.48 -22.28 -14.68
CA GLN I 103 -6.90 -22.25 -15.06
C GLN I 103 -7.12 -22.77 -16.47
N GLY I 104 -6.03 -22.97 -17.20
CA GLY I 104 -6.08 -23.58 -18.53
C GLY I 104 -6.08 -22.59 -19.69
N THR I 105 -5.37 -22.97 -20.75
CA THR I 105 -5.40 -22.24 -22.01
C THR I 105 -6.12 -23.06 -23.09
N LYS I 106 -7.14 -22.48 -23.72
CA LYS I 106 -7.85 -23.14 -24.81
C LYS I 106 -7.25 -22.73 -26.15
N VAL I 107 -6.88 -23.71 -26.95
CA VAL I 107 -6.37 -23.46 -28.28
C VAL I 107 -7.43 -23.90 -29.29
N GLU I 108 -8.06 -22.93 -29.95
CA GLU I 108 -9.16 -23.21 -30.87
C GLU I 108 -8.77 -22.91 -32.32
N VAL I 109 -9.57 -23.41 -33.25
CA VAL I 109 -9.34 -23.23 -34.69
C VAL I 109 -9.64 -21.80 -35.07
N LYS I 110 -8.74 -21.17 -35.84
CA LYS I 110 -8.98 -19.79 -36.29
C LYS I 110 -9.77 -19.79 -37.58
N LEU I 111 -10.68 -18.82 -37.71
CA LEU I 111 -11.43 -18.60 -38.94
C LEU I 111 -12.53 -17.56 -38.72
N LEU J 7 -21.69 45.92 10.01
CA LEU J 7 -20.56 45.35 9.21
C LEU J 7 -20.66 43.83 9.09
N THR J 8 -20.94 43.34 7.89
CA THR J 8 -20.99 41.90 7.62
C THR J 8 -19.75 41.46 6.83
N GLU J 9 -19.37 40.19 6.98
CA GLU J 9 -18.15 39.66 6.38
C GLU J 9 -18.42 38.73 5.19
N TYR J 10 -17.56 38.77 4.18
CA TYR J 10 -17.70 37.93 2.98
C TYR J 10 -16.34 37.50 2.47
N THR J 11 -16.30 36.40 1.73
CA THR J 11 -15.09 35.97 1.04
C THR J 11 -15.20 36.22 -0.45
N LEU J 12 -14.05 36.30 -1.10
CA LEU J 12 -13.96 36.70 -2.49
C LEU J 12 -12.65 36.16 -3.03
N GLN J 13 -12.73 35.52 -4.19
CA GLN J 13 -11.55 35.00 -4.86
C GLN J 13 -11.36 35.81 -6.12
N ALA J 14 -10.12 36.23 -6.38
CA ALA J 14 -9.83 37.01 -7.58
C ALA J 14 -8.38 36.88 -7.97
N ASN J 15 -8.10 37.08 -9.25
CA ASN J 15 -6.73 37.05 -9.72
C ASN J 15 -6.07 38.34 -9.25
N TRP J 16 -4.75 38.32 -9.14
CA TRP J 16 -4.00 39.40 -8.52
C TRP J 16 -4.23 40.76 -9.18
N PHE J 17 -4.39 40.78 -10.51
CA PHE J 17 -4.54 42.05 -11.22
C PHE J 17 -5.91 42.72 -11.03
N ASP J 18 -6.83 42.05 -10.34
CA ASP J 18 -8.15 42.59 -10.07
C ASP J 18 -8.28 43.07 -8.63
N ILE J 19 -7.24 42.85 -7.82
CA ILE J 19 -7.37 43.12 -6.40
C ILE J 19 -7.50 44.62 -6.10
N THR J 20 -6.68 45.45 -6.73
CA THR J 20 -6.75 46.89 -6.48
C THR J 20 -8.10 47.44 -6.93
N GLY J 21 -8.63 46.90 -8.02
CA GLY J 21 -9.95 47.29 -8.47
C GLY J 21 -10.96 47.01 -7.37
N ILE J 22 -10.81 45.87 -6.73
CA ILE J 22 -11.73 45.44 -5.68
C ILE J 22 -11.64 46.36 -4.48
N LEU J 23 -10.43 46.59 -3.99
CA LEU J 23 -10.16 47.57 -2.94
C LEU J 23 -10.86 48.90 -3.25
N TRP J 24 -10.70 49.36 -4.48
CA TRP J 24 -11.28 50.62 -4.90
C TRP J 24 -12.79 50.60 -4.74
N LEU J 25 -13.45 49.63 -5.37
CA LEU J 25 -14.92 49.51 -5.28
C LEU J 25 -15.37 49.30 -3.84
N LEU J 26 -14.53 48.63 -3.04
CA LEU J 26 -14.84 48.38 -1.64
C LEU J 26 -14.85 49.68 -0.82
N GLY J 27 -13.88 50.56 -1.08
CA GLY J 27 -13.81 51.84 -0.37
C GLY J 27 -15.01 52.73 -0.66
N GLN J 28 -15.59 52.57 -1.84
CA GLN J 28 -16.72 53.38 -2.27
C GLN J 28 -17.99 53.03 -1.54
N VAL J 29 -18.01 51.86 -0.92
CA VAL J 29 -19.18 51.40 -0.16
C VAL J 29 -18.82 51.26 1.32
N ASP J 30 -17.76 51.95 1.75
CA ASP J 30 -17.34 51.98 3.15
C ASP J 30 -16.94 50.62 3.67
N GLY J 31 -16.20 49.87 2.84
CA GLY J 31 -15.75 48.53 3.20
C GLY J 31 -14.27 48.50 3.55
N LYS J 32 -13.75 47.32 3.87
CA LYS J 32 -12.34 47.17 4.22
C LYS J 32 -11.91 45.71 4.19
N ILE J 33 -10.66 45.47 3.82
CA ILE J 33 -10.12 44.12 3.77
C ILE J 33 -9.75 43.65 5.17
N ILE J 34 -10.43 42.62 5.67
CA ILE J 34 -10.13 42.06 6.99
C ILE J 34 -8.87 41.21 6.96
N ASN J 35 -8.76 40.33 5.98
CA ASN J 35 -7.51 39.63 5.74
C ASN J 35 -7.42 39.15 4.30
N SER J 36 -6.30 38.55 3.96
CA SER J 36 -6.04 38.10 2.60
C SER J 36 -5.20 36.83 2.63
N ASP J 37 -5.21 36.11 1.53
CA ASP J 37 -4.56 34.82 1.46
C ASP J 37 -4.39 34.46 0.01
N VAL J 38 -3.23 33.90 -0.32
CA VAL J 38 -2.94 33.47 -1.68
C VAL J 38 -2.97 31.94 -1.75
N GLN J 39 -3.57 31.40 -2.82
CA GLN J 39 -3.64 29.96 -2.99
C GLN J 39 -3.68 29.52 -4.44
N ALA J 40 -3.12 28.34 -4.70
CA ALA J 40 -3.12 27.76 -6.04
C ALA J 40 -4.12 26.61 -6.12
N PHE J 41 -4.77 26.50 -7.27
CA PHE J 41 -5.77 25.47 -7.48
C PHE J 41 -5.53 24.78 -8.81
N VAL J 42 -6.10 23.58 -8.96
CA VAL J 42 -6.12 22.91 -10.24
C VAL J 42 -7.49 23.15 -10.83
N LEU J 43 -7.53 23.78 -12.01
CA LEU J 43 -8.78 23.98 -12.72
C LEU J 43 -8.94 22.80 -13.66
N LEU J 44 -10.00 22.01 -13.43
CA LEU J 44 -10.23 20.81 -14.22
C LEU J 44 -11.38 21.02 -15.18
N ARG J 45 -11.17 20.67 -16.44
CA ARG J 45 -12.23 20.56 -17.42
C ARG J 45 -12.57 19.08 -17.60
N VAL J 46 -13.80 18.71 -17.25
CA VAL J 46 -14.21 17.31 -17.25
C VAL J 46 -15.34 17.05 -18.23
N ALA J 47 -15.44 15.80 -18.68
CA ALA J 47 -16.46 15.39 -19.65
C ALA J 47 -17.10 14.11 -19.17
N LEU J 48 -18.43 14.07 -19.16
CA LEU J 48 -19.15 12.89 -18.70
C LEU J 48 -20.56 12.82 -19.31
N PRO J 49 -21.23 11.67 -19.13
CA PRO J 49 -22.58 11.51 -19.65
C PRO J 49 -23.62 12.32 -18.88
N ALA J 50 -24.37 13.14 -19.60
CA ALA J 50 -25.43 13.94 -19.00
C ALA J 50 -26.28 13.17 -17.98
N ALA J 51 -26.51 11.89 -18.27
CA ALA J 51 -27.32 11.02 -17.41
C ALA J 51 -26.74 10.77 -16.01
N LYS J 52 -25.43 10.99 -15.86
CA LYS J 52 -24.77 10.77 -14.57
C LYS J 52 -24.45 12.08 -13.84
N VAL J 53 -24.54 13.21 -14.55
CA VAL J 53 -24.21 14.52 -14.01
C VAL J 53 -24.75 14.75 -12.59
N ALA J 54 -26.01 14.37 -12.37
CA ALA J 54 -26.64 14.55 -11.07
C ALA J 54 -25.99 13.65 -10.02
N GLU J 55 -25.91 12.36 -10.32
CA GLU J 55 -25.28 11.39 -9.42
C GLU J 55 -23.86 11.82 -9.05
N PHE J 56 -23.12 12.29 -10.05
CA PHE J 56 -21.76 12.73 -9.87
C PHE J 56 -21.71 14.00 -9.01
N SER J 57 -22.42 15.03 -9.43
CA SER J 57 -22.47 16.28 -8.68
C SER J 57 -22.77 16.02 -7.22
N ALA J 58 -23.69 15.10 -6.99
CA ALA J 58 -24.11 14.73 -5.65
C ALA J 58 -22.93 14.20 -4.85
N LYS J 59 -22.29 13.16 -5.37
CA LYS J 59 -21.20 12.50 -4.64
C LYS J 59 -20.01 13.45 -4.44
N LEU J 60 -19.82 14.36 -5.37
CA LEU J 60 -18.76 15.34 -5.27
C LEU J 60 -18.96 16.22 -4.03
N ALA J 61 -20.19 16.65 -3.81
CA ALA J 61 -20.53 17.47 -2.64
C ALA J 61 -20.44 16.67 -1.34
N ASP J 62 -20.74 15.38 -1.42
CA ASP J 62 -20.67 14.49 -0.26
C ASP J 62 -19.23 14.09 0.09
N PHE J 63 -18.33 14.19 -0.88
CA PHE J 63 -16.94 13.81 -0.71
C PHE J 63 -16.09 15.05 -0.36
N SER J 64 -16.75 16.19 -0.27
CA SER J 64 -16.06 17.47 -0.08
C SER J 64 -16.78 18.46 0.82
N GLY J 65 -17.88 18.05 1.44
CA GLY J 65 -18.63 18.95 2.32
C GLY J 65 -19.19 20.15 1.58
N GLY J 66 -19.62 19.92 0.33
CA GLY J 66 -20.21 20.97 -0.48
C GLY J 66 -19.21 22.02 -0.94
N SER J 67 -17.94 21.83 -0.60
CA SER J 67 -16.91 22.81 -0.97
C SER J 67 -16.26 22.46 -2.30
N LEU J 68 -16.82 21.48 -3.00
CA LEU J 68 -16.38 21.14 -4.34
C LEU J 68 -17.60 21.02 -5.23
N GLN J 69 -17.84 22.04 -6.06
CA GLN J 69 -19.06 22.11 -6.85
C GLN J 69 -18.77 22.09 -8.34
N LEU J 70 -19.46 21.20 -9.06
CA LEU J 70 -19.34 21.09 -10.50
C LEU J 70 -20.12 22.21 -11.17
N LEU J 71 -19.49 22.90 -12.10
CA LEU J 71 -20.12 24.03 -12.79
C LEU J 71 -20.30 23.75 -14.28
N ALA J 72 -21.47 24.10 -14.81
CA ALA J 72 -21.72 23.98 -16.25
C ALA J 72 -20.98 25.08 -17.02
N ILE J 73 -21.06 25.04 -18.34
CA ILE J 73 -20.46 26.06 -19.20
C ILE J 73 -21.54 26.79 -19.99
N GLU J 74 -21.82 28.04 -19.61
CA GLU J 74 -22.88 28.84 -20.23
C GLU J 74 -22.54 29.28 -21.65
N ALA K 2 -2.07 28.42 -16.79
CA ALA K 2 -0.95 28.10 -17.72
C ALA K 2 -0.21 29.38 -18.06
N GLU K 3 0.99 29.23 -18.63
CA GLU K 3 1.75 30.37 -19.12
C GLU K 3 1.23 30.72 -20.52
N ILE K 4 0.11 31.43 -20.57
CA ILE K 4 -0.48 31.83 -21.85
C ILE K 4 0.58 32.44 -22.77
N VAL K 5 0.75 31.85 -23.95
CA VAL K 5 1.70 32.37 -24.91
C VAL K 5 0.97 33.33 -25.84
N LEU K 6 1.57 34.48 -26.10
CA LEU K 6 0.99 35.47 -26.99
C LEU K 6 1.87 35.59 -28.23
N THR K 7 1.32 35.23 -29.38
CA THR K 7 2.07 35.28 -30.62
C THR K 7 1.69 36.53 -31.39
N GLN K 8 2.66 37.41 -31.61
CA GLN K 8 2.44 38.63 -32.37
C GLN K 8 2.97 38.51 -33.78
N SER K 9 2.13 38.83 -34.76
CA SER K 9 2.57 38.91 -36.15
C SER K 9 2.17 40.26 -36.75
N PRO K 10 2.93 40.72 -37.76
CA PRO K 10 4.18 40.11 -38.22
C PRO K 10 5.28 40.36 -37.21
N GLY K 11 6.42 39.68 -37.37
CA GLY K 11 7.55 39.88 -36.49
C GLY K 11 8.17 41.25 -36.71
N THR K 12 8.55 41.50 -37.96
CA THR K 12 9.06 42.79 -38.40
C THR K 12 8.33 43.14 -39.68
N GLN K 13 8.13 44.43 -39.91
CA GLN K 13 7.33 44.87 -41.02
C GLN K 13 7.59 46.34 -41.33
N SER K 14 7.79 46.65 -42.62
CA SER K 14 8.14 48.00 -43.03
C SER K 14 6.97 48.70 -43.71
N LEU K 15 6.76 49.96 -43.35
CA LEU K 15 5.71 50.78 -43.94
C LEU K 15 6.21 52.21 -44.13
N SER K 16 5.42 53.04 -44.79
CA SER K 16 5.74 54.45 -45.02
C SER K 16 4.89 55.35 -44.14
N PRO K 17 5.47 56.47 -43.67
CA PRO K 17 4.69 57.45 -42.95
C PRO K 17 3.36 57.71 -43.63
N GLY K 18 2.29 57.79 -42.85
CA GLY K 18 0.96 58.06 -43.39
C GLY K 18 0.16 56.81 -43.71
N GLU K 19 0.84 55.68 -43.85
CA GLU K 19 0.14 54.43 -44.12
C GLU K 19 -0.47 53.87 -42.84
N ARG K 20 -1.37 52.91 -43.03
CA ARG K 20 -2.09 52.26 -41.95
C ARG K 20 -1.36 50.97 -41.55
N ALA K 21 -1.15 50.81 -40.25
CA ALA K 21 -0.57 49.57 -39.72
C ALA K 21 -1.62 48.80 -38.95
N THR K 22 -1.75 47.52 -39.24
CA THR K 22 -2.66 46.65 -38.49
C THR K 22 -1.87 45.48 -37.93
N LEU K 23 -1.78 45.43 -36.59
CA LEU K 23 -0.94 44.44 -35.91
C LEU K 23 -1.79 43.38 -35.22
N SER K 24 -1.26 42.16 -35.14
CA SER K 24 -1.98 41.06 -34.50
C SER K 24 -1.26 40.54 -33.27
N CYS K 25 -2.05 40.00 -32.34
CA CYS K 25 -1.55 39.36 -31.14
C CYS K 25 -2.51 38.21 -30.91
N ARG K 26 -2.00 36.98 -31.01
CA ARG K 26 -2.82 35.79 -30.79
C ARG K 26 -2.48 35.12 -29.44
N ALA K 27 -3.51 34.69 -28.73
CA ALA K 27 -3.35 34.08 -27.42
C ALA K 27 -3.63 32.59 -27.51
N SER K 28 -2.73 31.79 -26.93
CA SER K 28 -2.86 30.33 -26.95
C SER K 28 -4.12 29.86 -26.23
N GLN K 29 -4.72 30.77 -25.46
CA GLN K 29 -5.88 30.44 -24.65
C GLN K 29 -6.69 31.70 -24.43
N SER K 30 -7.98 31.52 -24.17
CA SER K 30 -8.89 32.66 -24.03
C SER K 30 -8.42 33.59 -22.93
N VAL K 31 -8.26 34.87 -23.26
CA VAL K 31 -7.78 35.85 -22.30
C VAL K 31 -8.92 36.34 -21.41
N GLY K 32 -8.69 36.31 -20.10
CA GLY K 32 -9.75 36.61 -19.13
C GLY K 32 -10.29 38.03 -19.19
N ASN K 33 -11.62 38.14 -19.21
CA ASN K 33 -12.30 39.44 -19.17
C ASN K 33 -11.65 40.48 -20.10
N ASN K 34 -11.12 40.05 -21.24
CA ASN K 34 -10.53 40.95 -22.23
C ASN K 34 -9.35 41.78 -21.74
N LYS K 35 -8.69 41.33 -20.69
CA LYS K 35 -7.56 42.06 -20.13
C LYS K 35 -6.33 41.88 -21.02
N LEU K 36 -6.29 42.65 -22.09
CA LEU K 36 -5.18 42.63 -23.03
C LEU K 36 -4.77 44.05 -23.35
N ALA K 37 -3.52 44.40 -23.08
CA ALA K 37 -3.03 45.76 -23.28
C ALA K 37 -2.04 45.81 -24.43
N TRP K 38 -1.85 46.99 -25.01
CA TRP K 38 -0.86 47.19 -26.07
C TRP K 38 0.11 48.29 -25.64
N TYR K 39 1.40 48.12 -25.93
CA TYR K 39 2.39 49.16 -25.62
C TYR K 39 3.22 49.50 -26.82
N GLN K 40 3.70 50.73 -26.88
CA GLN K 40 4.67 51.14 -27.88
C GLN K 40 5.98 51.38 -27.18
N GLN K 41 7.07 50.88 -27.76
CA GLN K 41 8.38 51.18 -27.24
C GLN K 41 9.26 51.70 -28.35
N ARG K 42 9.81 52.89 -28.13
CA ARG K 42 10.75 53.50 -29.06
C ARG K 42 12.19 53.19 -28.61
N PRO K 43 13.16 53.32 -29.54
CA PRO K 43 14.56 53.08 -29.18
C PRO K 43 15.00 53.81 -27.90
N GLY K 44 15.59 53.07 -26.97
CA GLY K 44 16.13 53.65 -25.74
C GLY K 44 15.08 54.35 -24.90
N GLN K 45 13.89 53.76 -24.81
CA GLN K 45 12.84 54.32 -23.98
C GLN K 45 12.05 53.22 -23.27
N ALA K 46 11.43 53.59 -22.17
CA ALA K 46 10.45 52.74 -21.53
C ALA K 46 9.24 52.62 -22.45
N PRO K 47 8.61 51.44 -22.48
CA PRO K 47 7.36 51.30 -23.23
C PRO K 47 6.32 52.32 -22.81
N ARG K 48 5.30 52.50 -23.64
CA ARG K 48 4.23 53.46 -23.36
C ARG K 48 2.86 52.83 -23.63
N LEU K 49 1.94 52.97 -22.68
CA LEU K 49 0.62 52.35 -22.80
C LEU K 49 -0.25 53.04 -23.85
N LEU K 50 -0.83 52.23 -24.74
CA LEU K 50 -1.69 52.72 -25.81
C LEU K 50 -3.12 52.29 -25.57
N ILE K 51 -3.30 51.01 -25.32
CA ILE K 51 -4.61 50.40 -25.21
C ILE K 51 -4.65 49.51 -23.98
N TYR K 52 -5.78 49.51 -23.29
CA TYR K 52 -6.00 48.54 -22.22
C TYR K 52 -7.44 48.05 -22.34
N GLY K 53 -7.73 46.94 -21.68
CA GLY K 53 -9.03 46.30 -21.79
C GLY K 53 -9.37 45.99 -23.23
N ALA K 54 -8.35 45.70 -24.04
CA ALA K 54 -8.52 45.33 -25.45
C ALA K 54 -8.85 46.50 -26.38
N SER K 55 -9.66 47.45 -25.91
CA SER K 55 -10.15 48.53 -26.78
C SER K 55 -10.16 49.92 -26.16
N SER K 56 -9.90 50.02 -24.86
CA SER K 56 -9.93 51.32 -24.19
C SER K 56 -8.61 52.04 -24.36
N ARG K 57 -8.69 53.34 -24.63
CA ARG K 57 -7.51 54.15 -24.82
C ARG K 57 -7.44 55.20 -23.70
N PRO K 58 -6.30 55.30 -23.02
CA PRO K 58 -6.11 56.40 -22.06
C PRO K 58 -6.02 57.74 -22.75
N SER K 59 -6.67 58.76 -22.21
CA SER K 59 -6.53 60.11 -22.72
C SER K 59 -5.04 60.48 -22.68
N GLY K 60 -4.59 61.24 -23.68
CA GLY K 60 -3.16 61.49 -23.84
C GLY K 60 -2.58 60.62 -24.95
N VAL K 61 -3.27 59.54 -25.29
CA VAL K 61 -2.91 58.71 -26.42
C VAL K 61 -3.73 59.14 -27.65
N ALA K 62 -3.04 59.42 -28.76
CA ALA K 62 -3.68 59.90 -29.98
C ALA K 62 -4.75 58.92 -30.45
N ASP K 63 -5.76 59.43 -31.15
CA ASP K 63 -6.89 58.61 -31.59
C ASP K 63 -6.58 57.77 -32.83
N ARG K 64 -5.39 57.96 -33.40
CA ARG K 64 -4.95 57.14 -34.52
C ARG K 64 -4.72 55.70 -34.06
N PHE K 65 -4.41 55.52 -32.77
CA PHE K 65 -4.28 54.19 -32.19
C PHE K 65 -5.64 53.66 -31.76
N SER K 66 -6.01 52.49 -32.25
CA SER K 66 -7.22 51.82 -31.77
C SER K 66 -6.99 50.32 -31.68
N GLY K 67 -7.57 49.69 -30.67
CA GLY K 67 -7.41 48.26 -30.48
C GLY K 67 -8.75 47.58 -30.50
N SER K 68 -8.77 46.32 -30.91
CA SER K 68 -10.01 45.57 -30.95
C SER K 68 -9.75 44.09 -30.75
N GLY K 69 -10.82 43.30 -30.73
CA GLY K 69 -10.72 41.86 -30.62
C GLY K 69 -11.16 41.35 -29.26
N SER K 70 -11.23 40.04 -29.13
CA SER K 70 -11.66 39.41 -27.90
C SER K 70 -11.29 37.94 -27.92
N GLY K 71 -11.29 37.30 -26.75
CA GLY K 71 -10.98 35.88 -26.66
C GLY K 71 -9.52 35.59 -26.89
N THR K 72 -9.15 35.30 -28.13
CA THR K 72 -7.78 34.94 -28.46
C THR K 72 -7.18 35.81 -29.57
N ASP K 73 -8.03 36.44 -30.38
CA ASP K 73 -7.57 37.24 -31.51
C ASP K 73 -7.69 38.72 -31.17
N PHE K 74 -6.56 39.41 -31.08
CA PHE K 74 -6.57 40.84 -30.82
C PHE K 74 -5.80 41.60 -31.92
N THR K 75 -6.07 42.89 -32.04
CA THR K 75 -5.51 43.69 -33.11
C THR K 75 -5.23 45.12 -32.66
N LEU K 76 -4.07 45.63 -33.02
CA LEU K 76 -3.77 47.06 -32.84
C LEU K 76 -3.71 47.72 -34.20
N THR K 77 -4.55 48.73 -34.38
CA THR K 77 -4.65 49.45 -35.65
C THR K 77 -4.10 50.85 -35.48
N ILE K 78 -3.15 51.21 -36.34
CA ILE K 78 -2.64 52.58 -36.42
C ILE K 78 -3.00 53.12 -37.80
N SER K 79 -3.93 54.07 -37.84
CA SER K 79 -4.52 54.53 -39.09
C SER K 79 -3.63 55.47 -39.90
N ARG K 80 -2.72 56.16 -39.23
CA ARG K 80 -1.74 57.00 -39.93
C ARG K 80 -0.42 57.01 -39.19
N LEU K 81 0.63 56.51 -39.84
CA LEU K 81 1.93 56.45 -39.19
C LEU K 81 2.65 57.79 -39.24
N GLU K 82 3.01 58.30 -38.07
CA GLU K 82 3.88 59.46 -37.94
C GLU K 82 5.29 58.93 -37.73
N PRO K 83 6.31 59.76 -37.98
CA PRO K 83 7.70 59.34 -37.82
C PRO K 83 8.01 58.67 -36.47
N GLU K 84 7.34 59.13 -35.41
CA GLU K 84 7.61 58.60 -34.07
C GLU K 84 7.02 57.20 -33.83
N ASP K 85 6.05 56.80 -34.65
CA ASP K 85 5.39 55.50 -34.48
C ASP K 85 6.25 54.31 -34.89
N PHE K 86 7.40 54.60 -35.51
CA PHE K 86 8.30 53.53 -35.90
C PHE K 86 9.02 53.00 -34.68
N ALA K 87 8.57 51.85 -34.21
CA ALA K 87 9.01 51.35 -32.93
C ALA K 87 8.54 49.91 -32.75
N VAL K 88 8.80 49.33 -31.58
CA VAL K 88 8.37 47.97 -31.30
C VAL K 88 7.06 48.04 -30.53
N TYR K 89 6.14 47.14 -30.86
CA TYR K 89 4.86 47.12 -30.17
C TYR K 89 4.64 45.79 -29.46
N TYR K 90 4.30 45.85 -28.18
CA TYR K 90 4.06 44.65 -27.38
C TYR K 90 2.60 44.57 -26.95
N CYS K 91 2.06 43.35 -26.94
CA CYS K 91 0.76 43.09 -26.34
C CYS K 91 1.01 42.36 -25.04
N GLN K 92 0.05 42.47 -24.12
CA GLN K 92 0.18 41.89 -22.77
C GLN K 92 -1.15 41.42 -22.23
N GLN K 93 -1.20 40.17 -21.76
CA GLN K 93 -2.40 39.66 -21.13
C GLN K 93 -2.24 39.69 -19.63
N TYR K 94 -3.25 40.21 -18.94
CA TYR K 94 -3.27 40.32 -17.49
C TYR K 94 -4.64 39.92 -16.98
N GLY K 95 -5.17 38.85 -17.56
CA GLY K 95 -6.48 38.34 -17.19
C GLY K 95 -6.41 37.15 -16.24
N GLN K 96 -5.22 36.92 -15.70
CA GLN K 96 -4.96 35.87 -14.70
C GLN K 96 -3.72 36.32 -13.95
N SER K 97 -3.45 35.71 -12.80
CA SER K 97 -2.37 36.18 -11.96
C SER K 97 -1.03 36.21 -12.68
N LEU K 98 -0.80 35.27 -13.57
CA LEU K 98 0.46 35.24 -14.33
C LEU K 98 0.31 36.01 -15.65
N SER K 99 0.79 37.25 -15.65
CA SER K 99 0.76 38.08 -16.84
C SER K 99 1.92 37.71 -17.75
N THR K 100 1.69 37.75 -19.05
CA THR K 100 2.70 37.45 -20.04
C THR K 100 2.63 38.48 -21.16
N PHE K 101 3.72 38.60 -21.91
CA PHE K 101 3.85 39.58 -22.98
C PHE K 101 4.02 38.86 -24.30
N GLY K 102 3.59 39.50 -25.39
CA GLY K 102 4.00 39.05 -26.72
C GLY K 102 5.49 39.29 -26.98
N GLN K 103 5.97 38.73 -28.08
CA GLN K 103 7.41 38.81 -28.41
C GLN K 103 7.77 40.12 -29.10
N GLY K 104 6.75 40.84 -29.54
CA GLY K 104 6.96 42.15 -30.17
C GLY K 104 6.85 42.12 -31.69
N THR K 105 6.07 43.07 -32.22
CA THR K 105 6.07 43.38 -33.63
C THR K 105 6.85 44.67 -33.86
N LYS K 106 7.76 44.67 -34.84
CA LYS K 106 8.62 45.83 -35.09
C LYS K 106 8.21 46.54 -36.38
N VAL K 107 7.80 47.80 -36.26
CA VAL K 107 7.40 48.61 -37.40
C VAL K 107 8.56 49.55 -37.79
N GLU K 108 9.23 49.22 -38.90
CA GLU K 108 10.34 50.04 -39.39
C GLU K 108 10.00 50.71 -40.73
N VAL K 109 10.82 51.67 -41.15
CA VAL K 109 10.56 52.48 -42.34
C VAL K 109 10.73 51.71 -43.65
N LYS K 110 9.76 51.86 -44.56
CA LYS K 110 9.80 51.24 -45.88
C LYS K 110 10.88 51.90 -46.72
N LEU K 111 11.76 51.09 -47.29
CA LEU K 111 12.91 51.61 -48.05
C LEU K 111 12.45 52.36 -49.30
N VAL L 4 2.58 60.85 -12.53
CA VAL L 4 3.29 59.88 -11.64
C VAL L 4 4.69 59.48 -12.15
N GLN L 5 5.72 60.14 -11.65
CA GLN L 5 7.08 59.77 -12.04
C GLN L 5 7.61 58.65 -11.16
N LEU L 6 8.30 57.69 -11.79
CA LEU L 6 8.93 56.57 -11.11
C LEU L 6 10.42 56.64 -11.44
N VAL L 7 11.27 56.78 -10.43
CA VAL L 7 12.71 56.90 -10.64
C VAL L 7 13.48 55.76 -9.97
N GLN L 8 14.27 55.04 -10.76
CA GLN L 8 14.95 53.85 -10.28
C GLN L 8 16.41 54.11 -9.93
N SER L 9 16.99 53.20 -9.16
CA SER L 9 18.41 53.25 -8.82
C SER L 9 19.24 53.04 -10.07
N GLY L 10 20.55 53.29 -9.95
CA GLY L 10 21.45 53.29 -11.11
C GLY L 10 21.98 51.93 -11.48
N ALA L 11 22.59 51.87 -12.67
CA ALA L 11 23.16 50.62 -13.20
C ALA L 11 24.01 49.87 -12.18
N GLU L 12 24.04 48.55 -12.32
CA GLU L 12 24.88 47.72 -11.47
C GLU L 12 25.57 46.63 -12.30
N VAL L 13 26.71 46.17 -11.78
CA VAL L 13 27.49 45.12 -12.43
C VAL L 13 27.78 44.05 -11.39
N LYS L 14 27.40 42.81 -11.66
CA LYS L 14 27.41 41.76 -10.65
C LYS L 14 28.12 40.48 -11.09
N ARG L 15 28.71 39.77 -10.13
CA ARG L 15 29.35 38.48 -10.40
C ARG L 15 28.33 37.34 -10.27
N PRO L 16 28.32 36.40 -11.24
CA PRO L 16 27.37 35.29 -11.23
C PRO L 16 27.25 34.64 -9.85
N GLY L 17 26.03 34.54 -9.34
CA GLY L 17 25.79 33.90 -8.05
C GLY L 17 25.46 34.88 -6.95
N SER L 18 25.69 36.17 -7.21
CA SER L 18 25.40 37.19 -6.22
C SER L 18 23.94 37.62 -6.31
N SER L 19 23.58 38.66 -5.57
CA SER L 19 22.22 39.18 -5.58
C SER L 19 22.22 40.70 -5.75
N VAL L 20 21.23 41.21 -6.50
CA VAL L 20 21.12 42.64 -6.76
C VAL L 20 19.77 43.17 -6.28
N THR L 21 19.77 44.43 -5.85
CA THR L 21 18.56 45.09 -5.37
C THR L 21 18.36 46.43 -6.07
N VAL L 22 17.26 46.53 -6.82
CA VAL L 22 16.90 47.74 -7.55
C VAL L 22 15.73 48.42 -6.87
N SER L 23 15.82 49.74 -6.68
CA SER L 23 14.73 50.49 -6.06
C SER L 23 13.92 51.24 -7.10
N CYS L 24 12.67 51.53 -6.76
CA CYS L 24 11.77 52.30 -7.61
C CYS L 24 11.05 53.33 -6.75
N LYS L 25 11.38 54.60 -6.95
CA LYS L 25 10.82 55.66 -6.12
C LYS L 25 9.71 56.38 -6.86
N ALA L 26 8.57 56.55 -6.18
CA ALA L 26 7.37 57.09 -6.80
C ALA L 26 7.01 58.44 -6.21
N SER L 27 6.77 59.41 -7.07
CA SER L 27 6.29 60.71 -6.64
C SER L 27 5.01 61.02 -7.39
N GLY L 28 3.99 61.46 -6.65
CA GLY L 28 2.67 61.64 -7.22
C GLY L 28 1.81 60.43 -6.94
N GLY L 29 0.50 60.64 -6.90
CA GLY L 29 -0.44 59.56 -6.71
C GLY L 29 -0.39 58.89 -5.35
N SER L 30 -1.18 57.82 -5.23
CA SER L 30 -1.29 57.05 -4.00
C SER L 30 -0.47 55.77 -4.13
N PHE L 31 0.69 55.74 -3.50
CA PHE L 31 1.62 54.62 -3.62
C PHE L 31 1.04 53.29 -3.14
N SER L 32 0.17 53.33 -2.13
CA SER L 32 -0.21 52.13 -1.40
C SER L 32 -1.33 51.32 -2.04
N THR L 33 -2.25 51.98 -2.73
CA THR L 33 -3.45 51.31 -3.21
C THR L 33 -3.43 50.95 -4.69
N TYR L 34 -2.26 51.06 -5.32
CA TYR L 34 -2.12 50.75 -6.75
C TYR L 34 -0.96 49.79 -6.98
N ALA L 35 -1.10 48.96 -8.00
CA ALA L 35 -0.21 47.81 -8.18
C ALA L 35 1.09 48.16 -8.87
N LEU L 36 2.20 47.77 -8.23
CA LEU L 36 3.52 47.95 -8.80
C LEU L 36 4.10 46.63 -9.33
N SER L 37 4.59 46.67 -10.57
CA SER L 37 5.18 45.49 -11.18
C SER L 37 6.62 45.73 -11.60
N TRP L 38 7.40 44.66 -11.64
CA TRP L 38 8.72 44.70 -12.22
C TRP L 38 8.67 43.92 -13.53
N VAL L 39 9.31 44.48 -14.55
CA VAL L 39 9.32 43.93 -15.90
C VAL L 39 10.71 44.15 -16.47
N ARG L 40 11.34 43.10 -16.98
CA ARG L 40 12.71 43.23 -17.48
C ARG L 40 12.79 43.03 -18.99
N GLN L 41 13.92 43.45 -19.55
CA GLN L 41 14.16 43.30 -20.98
C GLN L 41 15.61 42.94 -21.24
N ALA L 42 15.85 41.76 -21.77
CA ALA L 42 17.19 41.33 -22.17
C ALA L 42 17.58 42.06 -23.46
N PRO L 43 18.89 42.32 -23.66
CA PRO L 43 19.32 43.11 -24.83
C PRO L 43 18.77 42.57 -26.15
N GLY L 44 17.96 43.38 -26.83
CA GLY L 44 17.36 42.99 -28.10
C GLY L 44 16.23 41.98 -27.99
N ARG L 45 15.73 41.75 -26.78
CA ARG L 45 14.63 40.81 -26.56
C ARG L 45 13.32 41.52 -26.22
N GLY L 46 12.28 40.72 -25.95
CA GLY L 46 10.96 41.25 -25.63
C GLY L 46 10.79 41.60 -24.16
N LEU L 47 9.65 42.18 -23.82
CA LEU L 47 9.32 42.54 -22.44
C LEU L 47 8.93 41.28 -21.67
N GLU L 48 9.35 41.21 -20.40
CA GLU L 48 9.10 40.03 -19.59
C GLU L 48 8.57 40.45 -18.22
N TRP L 49 7.37 40.02 -17.87
CA TRP L 49 6.76 40.34 -16.58
C TRP L 49 7.31 39.45 -15.47
N MET L 50 7.98 40.04 -14.49
CA MET L 50 8.61 39.27 -13.43
C MET L 50 7.70 39.03 -12.22
N GLY L 51 6.99 40.08 -11.80
CA GLY L 51 6.09 39.97 -10.67
C GLY L 51 5.74 41.33 -10.15
N GLY L 52 4.92 41.40 -9.11
CA GLY L 52 4.55 42.68 -8.50
C GLY L 52 4.10 42.60 -7.05
N VAL L 53 3.75 43.77 -6.50
CA VAL L 53 3.26 43.87 -5.12
C VAL L 53 2.17 44.94 -5.04
N ILE L 54 1.17 44.69 -4.20
CA ILE L 54 0.22 45.73 -3.80
C ILE L 54 0.63 46.17 -2.40
N PRO L 55 1.23 47.37 -2.29
CA PRO L 55 1.84 47.82 -1.03
C PRO L 55 0.95 47.74 0.20
N LEU L 56 -0.28 48.23 0.09
CA LEU L 56 -1.19 48.27 1.24
C LEU L 56 -1.34 46.92 1.93
N LEU L 57 -1.62 45.88 1.15
CA LEU L 57 -1.89 44.56 1.72
C LEU L 57 -0.64 43.67 1.77
N THR L 58 0.48 44.18 1.27
CA THR L 58 1.69 43.36 1.18
C THR L 58 1.36 42.02 0.53
N ILE L 59 0.66 42.07 -0.59
CA ILE L 59 0.37 40.88 -1.38
C ILE L 59 1.28 40.88 -2.61
N THR L 60 2.18 39.90 -2.66
CA THR L 60 3.08 39.76 -3.78
C THR L 60 2.56 38.72 -4.78
N ASN L 61 2.98 38.86 -6.03
CA ASN L 61 2.62 37.93 -7.09
C ASN L 61 3.83 37.77 -8.00
N TYR L 62 4.40 36.57 -8.03
CA TYR L 62 5.57 36.30 -8.86
C TYR L 62 5.26 35.33 -9.97
N ALA L 63 5.98 35.48 -11.10
CA ALA L 63 5.88 34.52 -12.18
C ALA L 63 6.68 33.28 -11.81
N PRO L 64 6.15 32.07 -12.10
CA PRO L 64 6.88 30.83 -11.82
C PRO L 64 8.36 30.84 -12.21
N ARG L 65 8.69 31.44 -13.35
CA ARG L 65 10.07 31.50 -13.81
C ARG L 65 11.01 31.99 -12.72
N PHE L 66 10.59 33.00 -11.97
CA PHE L 66 11.46 33.67 -11.02
C PHE L 66 11.17 33.34 -9.57
N GLN L 67 10.15 32.51 -9.34
CA GLN L 67 9.78 32.13 -7.98
CA GLN L 67 9.78 32.14 -7.97
C GLN L 67 10.96 31.46 -7.30
N GLY L 68 11.25 31.89 -6.07
CA GLY L 68 12.37 31.34 -5.31
C GLY L 68 13.67 32.09 -5.53
N ARG L 69 13.69 33.00 -6.50
CA ARG L 69 14.86 33.84 -6.79
C ARG L 69 14.55 35.32 -6.59
N ILE L 70 13.32 35.63 -6.22
CA ILE L 70 12.83 37.00 -6.33
C ILE L 70 12.10 37.43 -5.07
N THR L 71 12.33 38.68 -4.66
CA THR L 71 11.57 39.29 -3.59
C THR L 71 11.25 40.74 -3.97
N ILE L 72 9.96 41.04 -4.05
CA ILE L 72 9.48 42.39 -4.35
C ILE L 72 8.93 42.96 -3.05
N THR L 73 9.35 44.16 -2.68
CA THR L 73 8.87 44.78 -1.46
C THR L 73 8.51 46.25 -1.67
N ALA L 74 7.84 46.84 -0.69
CA ALA L 74 7.39 48.22 -0.78
C ALA L 74 7.52 48.89 0.59
N ASP L 75 8.11 50.08 0.60
CA ASP L 75 8.21 50.89 1.81
C ASP L 75 7.32 52.11 1.63
N ARG L 76 6.30 52.22 2.47
CA ARG L 76 5.24 53.20 2.25
C ARG L 76 5.61 54.63 2.67
N SER L 77 6.69 54.78 3.44
CA SER L 77 7.13 56.11 3.86
C SER L 77 7.87 56.85 2.74
N THR L 78 8.58 56.12 1.89
CA THR L 78 9.35 56.74 0.81
C THR L 78 8.71 56.55 -0.57
N SER L 79 7.59 55.85 -0.62
CA SER L 79 6.99 55.47 -1.90
C SER L 79 8.01 54.72 -2.75
N THR L 80 8.72 53.77 -2.14
CA THR L 80 9.77 53.06 -2.86
C THR L 80 9.53 51.54 -2.87
N ALA L 81 9.54 50.96 -4.05
CA ALA L 81 9.43 49.53 -4.20
C ALA L 81 10.81 48.97 -4.54
N TYR L 82 11.05 47.74 -4.14
CA TYR L 82 12.34 47.12 -4.37
C TYR L 82 12.17 45.80 -5.09
N LEU L 83 13.11 45.49 -5.95
CA LEU L 83 13.19 44.20 -6.59
C LEU L 83 14.50 43.59 -6.16
N GLU L 84 14.42 42.46 -5.47
CA GLU L 84 15.62 41.71 -5.09
C GLU L 84 15.69 40.43 -5.91
N LEU L 85 16.76 40.29 -6.69
CA LEU L 85 16.96 39.11 -7.50
C LEU L 85 18.23 38.39 -7.03
N ASN L 86 18.14 37.08 -6.86
CA ASN L 86 19.22 36.28 -6.29
C ASN L 86 19.87 35.36 -7.32
N SER L 87 20.96 34.71 -6.91
CA SER L 87 21.66 33.74 -7.75
C SER L 87 21.74 34.20 -9.19
N LEU L 88 22.38 35.35 -9.40
CA LEU L 88 22.44 35.95 -10.73
C LEU L 88 23.23 35.11 -11.71
N ARG L 89 22.78 35.13 -12.97
CA ARG L 89 23.40 34.38 -14.05
C ARG L 89 23.56 35.32 -15.24
N PRO L 90 24.43 34.98 -16.19
CA PRO L 90 24.63 35.86 -17.36
C PRO L 90 23.31 36.19 -18.08
N GLU L 91 22.38 35.24 -18.07
CA GLU L 91 21.07 35.42 -18.71
C GLU L 91 20.22 36.48 -17.99
N ASP L 92 20.65 36.89 -16.80
CA ASP L 92 19.99 37.96 -16.06
C ASP L 92 20.48 39.33 -16.48
N THR L 93 21.37 39.39 -17.47
CA THR L 93 21.78 40.67 -18.01
C THR L 93 20.57 41.24 -18.73
N ALA L 94 20.10 42.38 -18.24
CA ALA L 94 18.88 42.97 -18.78
C ALA L 94 18.61 44.35 -18.19
N VAL L 95 17.73 45.10 -18.85
CA VAL L 95 17.21 46.34 -18.32
C VAL L 95 15.97 46.03 -17.48
N TYR L 96 15.99 46.44 -16.22
CA TYR L 96 14.90 46.15 -15.30
C TYR L 96 14.04 47.40 -15.07
N TYR L 97 12.77 47.31 -15.45
CA TYR L 97 11.85 48.44 -15.31
C TYR L 97 10.88 48.22 -14.15
N CYS L 98 10.53 49.31 -13.47
CA CYS L 98 9.42 49.28 -12.54
C CYS L 98 8.23 49.96 -13.20
N ALA L 99 7.04 49.38 -13.01
CA ALA L 99 5.86 49.82 -13.74
C ALA L 99 4.61 49.77 -12.86
N ARG L 100 3.85 50.84 -12.84
CA ARG L 100 2.62 50.90 -12.05
C ARG L 100 1.38 51.04 -12.93
N GLU L 101 0.31 50.39 -12.50
CA GLU L 101 -0.94 50.43 -13.24
C GLU L 101 -1.46 51.86 -13.29
N GLY L 102 -2.19 52.18 -14.34
CA GLY L 102 -2.80 53.49 -14.49
C GLY L 102 -4.11 53.59 -13.74
N THR L 103 -4.71 54.78 -13.75
CA THR L 103 -6.02 54.98 -13.13
C THR L 103 -6.89 55.70 -14.15
N THR L 104 -8.19 55.42 -14.13
CA THR L 104 -9.08 55.97 -15.15
C THR L 104 -9.48 57.39 -14.79
N GLY L 105 -9.60 58.24 -15.81
CA GLY L 105 -10.01 59.62 -15.60
C GLY L 105 -8.91 60.47 -14.99
N ALA L 106 -9.14 61.78 -14.96
CA ALA L 106 -8.15 62.69 -14.41
C ALA L 106 -8.00 62.45 -12.91
N GLY L 107 -6.90 62.97 -12.36
CA GLY L 107 -6.65 62.90 -10.94
C GLY L 107 -5.85 61.66 -10.65
N TRP L 108 -5.59 61.42 -9.36
CA TRP L 108 -4.75 60.31 -8.92
C TRP L 108 -5.55 59.24 -8.18
N LEU L 109 -6.86 59.42 -8.07
CA LEU L 109 -7.68 58.50 -7.30
C LEU L 109 -8.74 57.81 -8.14
N GLY L 110 -8.44 57.62 -9.42
CA GLY L 110 -9.33 56.90 -10.32
C GLY L 110 -9.32 55.39 -10.14
N LYS L 111 -10.23 54.73 -10.82
CA LYS L 111 -10.35 53.27 -10.81
C LYS L 111 -9.10 52.63 -11.42
N PRO L 112 -8.49 51.66 -10.74
CA PRO L 112 -7.34 50.93 -11.30
C PRO L 112 -7.67 50.23 -12.61
N ILE L 113 -6.73 50.23 -13.55
CA ILE L 113 -6.98 49.65 -14.87
C ILE L 113 -6.11 48.42 -15.16
N GLY L 114 -5.23 48.07 -14.22
CA GLY L 114 -4.36 46.92 -14.36
C GLY L 114 -3.17 47.14 -15.29
N ALA L 115 -3.44 47.62 -16.50
CA ALA L 115 -2.38 47.85 -17.48
C ALA L 115 -1.38 48.89 -16.98
N PHE L 116 -0.15 48.82 -17.47
CA PHE L 116 0.93 49.67 -16.93
C PHE L 116 1.05 51.00 -17.66
N ALA L 117 0.58 52.07 -17.04
CA ALA L 117 0.63 53.39 -17.66
C ALA L 117 1.90 54.13 -17.28
N HIS L 118 2.42 53.83 -16.08
CA HIS L 118 3.55 54.57 -15.53
C HIS L 118 4.79 53.69 -15.42
N TRP L 119 5.93 54.25 -15.82
CA TRP L 119 7.16 53.49 -15.99
C TRP L 119 8.39 54.25 -15.51
N GLY L 120 9.32 53.54 -14.88
CA GLY L 120 10.62 54.11 -14.54
C GLY L 120 11.52 54.17 -15.75
N GLN L 121 12.70 54.74 -15.57
CA GLN L 121 13.64 54.94 -16.67
C GLN L 121 14.42 53.66 -16.99
N GLY L 122 14.36 52.67 -16.10
CA GLY L 122 15.05 51.40 -16.31
C GLY L 122 16.37 51.30 -15.55
N THR L 123 16.76 50.09 -15.18
CA THR L 123 18.03 49.88 -14.49
C THR L 123 18.76 48.68 -15.08
N LEU L 124 19.85 48.96 -15.78
CA LEU L 124 20.66 47.91 -16.39
C LEU L 124 21.37 47.12 -15.31
N VAL L 125 21.23 45.79 -15.36
CA VAL L 125 21.98 44.94 -14.47
C VAL L 125 22.80 43.99 -15.30
N THR L 126 24.11 44.16 -15.26
CA THR L 126 24.99 43.37 -16.08
C THR L 126 25.69 42.33 -15.22
N VAL L 127 25.66 41.07 -15.66
CA VAL L 127 26.30 39.99 -14.95
C VAL L 127 27.50 39.50 -15.76
N SER L 128 28.68 39.54 -15.15
CA SER L 128 29.92 39.08 -15.80
C SER L 128 30.96 38.69 -14.76
#